data_8VEU
#
_entry.id   8VEU
#
_cell.length_a   103.370
_cell.length_b   138.790
_cell.length_c   179.710
_cell.angle_alpha   90.00
_cell.angle_beta   90.00
_cell.angle_gamma   90.00
#
_symmetry.space_group_name_H-M   'I 2 2 2'
#
loop_
_entity.id
_entity.type
_entity.pdbx_description
1 polymer 'Protein arginine N-methyltransferase 5'
2 polymer 'Methylosome protein 50'
3 non-polymer "5'-DEOXY-5'-METHYLTHIOADENOSINE"
4 non-polymer N-(6-amino-5-methylpyridin-3-yl)-2-[(2R,5S)-5-methyl-2-phenylpiperidin-1-yl]-2-oxoacetamide
5 non-polymer 1,2-ETHANEDIOL
6 water water
#
loop_
_entity_poly.entity_id
_entity_poly.type
_entity_poly.pdbx_seq_one_letter_code
_entity_poly.pdbx_strand_id
1 'polypeptide(L)'
;MDYKDDDDKAAMAVGGAGGSRVSSGRDLNCVPEIADTLGAVAKQGFDFLCMPVFHPRFKREFIQEPAKNRPGPQTRSDLL
LSGRDWNTLIVGKLSPWIRPDSKVEKIRRNSEAAMLQELNFGAYLGLPAFLLPLNQEDNTNLARVLTNHIHTGHHSSMFW
MRVPLVAPEDLRDDIIENAPTTHTEEYSGEEKTWMWWHNFRTLCDYSKRIAVALEIGADLPSNHVIDRWLGEPIKAAILP
TSIFLTNKKGFPVLSKMHQRLIFRLLKLEVQFIITGTNHHSEKEFCSYLQYLEYLSQNRPPPNAYELFAKGYEDYLQSPL
QPLMDNLESQTYEVFEKDPIKYSQYQQAIYKCLLDRVPEEEKDTNVQVLMVLGAGRGPLVNASLRAAKQADRRIKLYAVE
KNPNAVVTLENWQFEEWGSQVTVVSSDMREWVAPEKADIIVSELLGSFADNELSPECLDGAQHFLKDDGVSIPGEYTSFL
APISSSKLYNEVRACREKDRDPEAQFEMPYVVRLHNFHQLSAPQPCFTFSHPNRDPMIDNNRYCTLEFPVEVNTVLHGFA
GYFETVLYQDITLSIRPETHSPGMFSWFPILFPIKQPITVREGQTICVRFWRCSNSKKVWYEWAVTAPVCSAIHNPTGRS
YTIGL
;
A
2 'polypeptide(L)'
;MHHHHHHHHRKETPPPLVPPAAREWNLPPNAPACMERQLEAARYRSDGALLLGASSLSGRCWAGSLWLFKDPCAAPNEGF
CSAGVQTEAGVADLTWVGERGILVASDSGAVELWELDENETLIVSKFCKYEHDDIVSTVSVLSSGTQAVSGSKDICIKVW
DLAQQVVLSSYRAHAAQVTCVAASPHKDSVFLSCSEDNRILLWDTRCPKPASQIGCSAPGYLPTSLAWHPQQSEVFVFGD
ENGTVSLVDTKSTSCVLSSAVHSQCVTGLVFSPHSVPFLASLSEDCSLAVLDSSLSELFRSQAHRDFVRDATWSPLNHSL
LTTVGWDHQVVHHVVPTEPLPAPGPASVTE
;
B
#
# COMPACT_ATOMS: atom_id res chain seq x y z
N ARG A 21 -12.10 16.86 0.85
CA ARG A 21 -11.55 16.60 -0.53
C ARG A 21 -10.41 15.58 -0.42
N VAL A 22 -9.43 15.59 -1.34
CA VAL A 22 -8.32 14.61 -1.36
C VAL A 22 -7.23 15.07 -0.38
N SER A 23 -6.83 14.18 0.53
CA SER A 23 -5.59 14.31 1.35
C SER A 23 -4.45 13.67 0.58
N SER A 24 -3.40 14.44 0.28
CA SER A 24 -2.31 14.03 -0.64
C SER A 24 -0.96 14.61 -0.18
N GLY A 25 0.12 13.87 -0.38
CA GLY A 25 1.49 14.26 -0.01
C GLY A 25 2.42 14.21 -1.20
N ARG A 26 3.52 14.97 -1.13
CA ARG A 26 4.65 14.92 -2.10
C ARG A 26 5.69 13.91 -1.60
N ASP A 27 6.20 13.09 -2.51
CA ASP A 27 7.39 12.22 -2.33
C ASP A 27 8.60 12.96 -2.92
N LEU A 28 9.67 13.14 -2.15
CA LEU A 28 10.98 13.67 -2.63
C LEU A 28 12.10 12.77 -2.10
N ASN A 29 13.17 12.61 -2.88
CA ASN A 29 14.39 11.89 -2.43
C ASN A 29 15.56 12.88 -2.41
N CYS A 30 15.29 14.17 -2.57
CA CYS A 30 16.29 15.28 -2.60
C CYS A 30 15.73 16.51 -1.89
N VAL A 31 16.32 16.88 -0.74
CA VAL A 31 15.86 18.00 0.14
C VAL A 31 17.07 18.80 0.55
N PRO A 32 17.48 19.83 -0.24
CA PRO A 32 18.67 20.60 0.09
C PRO A 32 18.42 21.36 1.41
N GLU A 33 17.30 22.07 1.50
CA GLU A 33 16.89 22.82 2.72
C GLU A 33 15.46 22.45 3.09
N ILE A 34 15.27 21.75 4.21
CA ILE A 34 13.93 21.27 4.69
C ILE A 34 12.93 22.43 4.87
N ALA A 35 13.38 23.62 5.26
CA ALA A 35 12.51 24.82 5.39
C ALA A 35 11.95 25.23 4.02
N ASP A 36 12.83 25.47 3.05
CA ASP A 36 12.48 25.89 1.66
C ASP A 36 11.60 24.84 0.98
N THR A 37 11.98 23.57 1.05
CA THR A 37 11.25 22.42 0.45
C THR A 37 9.83 22.37 1.01
N LEU A 38 9.68 22.23 2.32
CA LEU A 38 8.35 22.15 2.99
C LEU A 38 7.49 23.35 2.60
N GLY A 39 8.10 24.53 2.45
CA GLY A 39 7.39 25.76 2.05
C GLY A 39 6.91 25.72 0.61
N ALA A 40 7.71 25.10 -0.28
CA ALA A 40 7.36 24.92 -1.71
C ALA A 40 6.16 23.97 -1.81
N VAL A 41 6.20 22.82 -1.11
CA VAL A 41 5.17 21.76 -1.28
C VAL A 41 3.85 22.25 -0.68
N ALA A 42 3.89 23.02 0.41
CA ALA A 42 2.70 23.67 1.03
C ALA A 42 2.05 24.63 0.02
N LYS A 43 2.84 25.51 -0.59
CA LYS A 43 2.38 26.47 -1.64
C LYS A 43 1.71 25.68 -2.76
N GLN A 44 2.31 24.56 -3.18
CA GLN A 44 1.81 23.69 -4.27
C GLN A 44 0.46 23.07 -3.88
N GLY A 45 0.14 22.98 -2.59
CA GLY A 45 -1.17 22.55 -2.05
C GLY A 45 -1.13 21.19 -1.38
N PHE A 46 0.05 20.59 -1.19
CA PHE A 46 0.22 19.26 -0.55
C PHE A 46 -0.04 19.39 0.94
N ASP A 47 -0.46 18.28 1.58
CA ASP A 47 -0.85 18.20 3.02
C ASP A 47 0.33 17.69 3.85
N PHE A 48 1.26 16.96 3.23
CA PHE A 48 2.42 16.35 3.93
C PHE A 48 3.53 16.01 2.92
N LEU A 49 4.69 15.61 3.43
CA LEU A 49 5.94 15.42 2.65
C LEU A 49 6.59 14.11 3.06
N CYS A 50 6.80 13.19 2.13
CA CYS A 50 7.62 11.97 2.37
C CYS A 50 9.07 12.31 2.00
N MET A 51 10.02 12.21 2.92
CA MET A 51 11.41 12.65 2.66
C MET A 51 12.36 11.77 3.46
N PRO A 52 13.67 11.73 3.11
CA PRO A 52 14.65 11.00 3.89
C PRO A 52 15.04 11.77 5.17
N VAL A 53 15.39 11.03 6.22
CA VAL A 53 15.73 11.59 7.57
C VAL A 53 17.24 11.56 7.78
N PHE A 54 17.92 10.67 7.05
CA PHE A 54 19.37 10.72 6.70
C PHE A 54 19.44 10.88 5.18
N HIS A 55 20.48 11.55 4.66
CA HIS A 55 20.74 11.69 3.19
C HIS A 55 20.73 10.31 2.53
N PRO A 56 19.95 10.11 1.45
CA PRO A 56 19.88 8.81 0.78
C PRO A 56 21.21 8.15 0.37
N ARG A 57 22.23 8.94 0.02
CA ARG A 57 23.51 8.43 -0.54
C ARG A 57 24.60 8.23 0.53
N PHE A 58 24.31 8.57 1.81
CA PHE A 58 25.32 8.65 2.91
C PHE A 58 25.44 7.30 3.64
N LYS A 59 25.91 6.25 2.98
CA LYS A 59 26.12 4.92 3.59
C LYS A 59 27.00 5.11 4.84
N ARG A 60 26.71 4.36 5.91
CA ARG A 60 27.42 4.43 7.21
C ARG A 60 27.96 3.03 7.57
N GLU A 61 29.17 2.96 8.13
CA GLU A 61 29.80 1.72 8.67
C GLU A 61 29.60 1.68 10.18
N PHE A 62 29.34 0.49 10.74
CA PHE A 62 29.09 0.24 12.20
C PHE A 62 30.12 -0.74 12.79
N ILE A 63 30.84 -1.50 11.96
CA ILE A 63 31.71 -2.62 12.44
C ILE A 63 33.19 -2.30 12.17
N GLN A 64 33.59 -1.95 10.93
CA GLN A 64 35.01 -1.88 10.47
C GLN A 64 35.58 -0.46 10.63
N GLU A 65 36.77 -0.32 11.23
CA GLU A 65 37.52 0.96 11.29
C GLU A 65 38.20 1.16 9.94
N PRO A 66 38.48 2.39 9.45
CA PRO A 66 38.22 3.64 10.17
C PRO A 66 36.85 4.29 9.96
N ALA A 67 36.14 3.93 8.88
CA ALA A 67 34.83 4.50 8.46
C ALA A 67 33.83 4.52 9.62
N LYS A 68 33.90 3.51 10.52
CA LYS A 68 33.05 3.42 11.75
C LYS A 68 33.14 4.72 12.57
N ASN A 69 34.34 5.30 12.66
CA ASN A 69 34.64 6.47 13.54
C ASN A 69 34.46 7.77 12.76
N ARG A 70 33.69 7.75 11.67
CA ARG A 70 33.31 8.97 10.90
C ARG A 70 32.78 10.05 11.84
N PRO A 71 33.41 11.24 11.90
CA PRO A 71 32.87 12.37 12.65
C PRO A 71 31.41 12.70 12.27
N GLY A 72 30.61 13.19 13.23
CA GLY A 72 29.21 13.63 13.04
C GLY A 72 29.17 15.10 12.60
N PRO A 73 27.98 15.75 12.50
CA PRO A 73 26.69 15.12 12.73
C PRO A 73 26.27 14.09 11.68
N GLN A 74 25.60 13.02 12.11
CA GLN A 74 25.18 11.89 11.25
C GLN A 74 23.95 12.27 10.41
N THR A 75 23.18 13.29 10.81
CA THR A 75 22.11 13.87 9.96
C THR A 75 21.77 15.28 10.42
N ARG A 76 20.76 15.92 9.81
CA ARG A 76 20.33 17.30 10.10
C ARG A 76 19.56 17.35 11.43
N SER A 77 19.38 18.54 12.00
CA SER A 77 18.89 18.72 13.40
C SER A 77 17.36 18.67 13.49
N ASP A 78 16.84 18.04 14.56
CA ASP A 78 15.41 18.09 14.98
C ASP A 78 14.99 19.54 15.26
N LEU A 79 15.92 20.43 15.53
CA LEU A 79 15.62 21.86 15.81
C LEU A 79 15.18 22.63 14.56
N LEU A 80 15.26 22.04 13.35
CA LEU A 80 14.97 22.74 12.07
C LEU A 80 13.46 22.85 11.83
N LEU A 81 12.63 22.06 12.53
CA LEU A 81 11.14 22.14 12.49
C LEU A 81 10.56 22.09 13.91
N SER A 82 9.38 22.68 14.11
CA SER A 82 8.54 22.54 15.33
C SER A 82 8.13 21.07 15.52
N GLY A 83 7.95 20.65 16.77
CA GLY A 83 7.39 19.33 17.14
C GLY A 83 6.08 19.06 16.41
N ARG A 84 5.20 20.08 16.36
CA ARG A 84 3.91 20.05 15.60
C ARG A 84 4.18 19.62 14.15
N ASP A 85 5.21 20.18 13.50
CA ASP A 85 5.48 19.93 12.06
C ASP A 85 5.95 18.48 11.88
N TRP A 86 6.91 18.02 12.69
CA TRP A 86 7.37 16.59 12.66
C TRP A 86 6.16 15.66 12.87
N ASN A 87 5.29 15.95 13.84
CA ASN A 87 4.17 15.06 14.23
C ASN A 87 3.12 14.95 13.12
N THR A 88 2.92 15.98 12.29
CA THR A 88 1.77 16.08 11.34
C THR A 88 2.19 16.10 9.87
N LEU A 89 3.32 16.73 9.52
CA LEU A 89 3.64 17.07 8.10
C LEU A 89 4.69 16.11 7.47
N ILE A 90 5.47 15.35 8.25
CA ILE A 90 6.67 14.63 7.72
C ILE A 90 6.48 13.10 7.84
N VAL A 91 6.54 12.39 6.70
CA VAL A 91 6.66 10.91 6.62
C VAL A 91 8.11 10.54 6.31
N GLY A 92 8.79 9.82 7.20
CA GLY A 92 10.16 9.34 6.99
C GLY A 92 10.23 8.29 5.88
N LYS A 93 11.39 8.18 5.22
CA LYS A 93 11.67 7.14 4.18
C LYS A 93 12.96 6.38 4.53
N LEU A 94 12.91 5.05 4.55
CA LEU A 94 14.11 4.22 4.79
C LEU A 94 15.09 4.41 3.63
N SER A 95 16.37 4.59 3.94
CA SER A 95 17.45 4.88 2.97
C SER A 95 17.56 3.70 1.99
N PRO A 96 17.67 3.95 0.67
CA PRO A 96 17.61 2.87 -0.32
C PRO A 96 18.79 1.88 -0.25
N TRP A 97 19.94 2.29 0.28
CA TRP A 97 21.13 1.39 0.41
C TRP A 97 20.91 0.32 1.49
N ILE A 98 19.87 0.44 2.34
CA ILE A 98 19.69 -0.46 3.51
C ILE A 98 19.09 -1.77 3.02
N ARG A 99 19.83 -2.87 3.10
CA ARG A 99 19.40 -4.16 2.51
C ARG A 99 19.61 -5.26 3.54
N PRO A 100 18.64 -5.46 4.48
CA PRO A 100 18.80 -6.46 5.53
C PRO A 100 18.79 -7.91 5.01
N ASP A 101 18.36 -8.12 3.77
CA ASP A 101 18.26 -9.48 3.17
C ASP A 101 19.28 -9.69 2.05
N SER A 102 20.27 -8.80 1.93
CA SER A 102 21.49 -8.99 1.09
C SER A 102 22.05 -10.40 1.28
N LYS A 103 22.64 -10.96 0.22
CA LYS A 103 23.39 -12.24 0.26
C LYS A 103 24.75 -12.04 0.94
N VAL A 104 25.22 -10.81 1.05
CA VAL A 104 26.51 -10.47 1.72
C VAL A 104 26.26 -10.24 3.22
N GLU A 105 26.88 -11.04 4.07
CA GLU A 105 26.78 -11.01 5.56
C GLU A 105 27.09 -9.60 6.09
N LYS A 106 28.23 -9.03 5.71
CA LYS A 106 28.60 -7.66 6.16
C LYS A 106 27.49 -6.67 5.79
N ILE A 107 26.77 -6.86 4.69
CA ILE A 107 25.74 -5.86 4.29
C ILE A 107 24.46 -6.12 5.09
N ARG A 108 24.14 -7.39 5.40
CA ARG A 108 22.99 -7.72 6.29
C ARG A 108 23.22 -7.05 7.65
N ARG A 109 24.36 -7.31 8.32
CA ARG A 109 24.72 -6.81 9.69
C ARG A 109 24.69 -5.29 9.75
N ASN A 110 25.24 -4.65 8.73
CA ASN A 110 25.34 -3.18 8.64
C ASN A 110 23.96 -2.57 8.42
N SER A 111 23.12 -3.21 7.59
CA SER A 111 21.76 -2.73 7.24
C SER A 111 20.84 -2.91 8.46
N GLU A 112 20.96 -4.02 9.18
CA GLU A 112 20.31 -4.26 10.50
C GLU A 112 20.54 -3.03 11.37
N ALA A 113 21.79 -2.69 11.70
CA ALA A 113 22.16 -1.56 12.58
C ALA A 113 21.63 -0.24 12.01
N ALA A 114 21.69 -0.04 10.68
CA ALA A 114 21.27 1.23 10.02
C ALA A 114 19.75 1.38 10.01
N MET A 115 19.00 0.27 9.96
CA MET A 115 17.52 0.26 9.92
C MET A 115 17.01 0.68 11.32
N LEU A 116 17.50 0.03 12.38
CA LEU A 116 17.20 0.39 13.78
C LEU A 116 17.49 1.87 13.97
N GLN A 117 18.59 2.36 13.46
CA GLN A 117 19.04 3.77 13.63
C GLN A 117 18.01 4.69 12.99
N GLU A 118 17.66 4.44 11.73
CA GLU A 118 16.72 5.33 10.98
C GLU A 118 15.33 5.25 11.62
N LEU A 119 14.84 4.04 11.93
CA LEU A 119 13.51 3.86 12.57
C LEU A 119 13.51 4.56 13.93
N ASN A 120 14.57 4.39 14.74
CA ASN A 120 14.66 4.95 16.12
C ASN A 120 14.66 6.48 16.03
N PHE A 121 15.34 7.06 15.02
CA PHE A 121 15.34 8.52 14.79
C PHE A 121 13.91 8.97 14.44
N GLY A 122 13.20 8.19 13.62
CA GLY A 122 11.80 8.47 13.26
C GLY A 122 10.92 8.57 14.49
N ALA A 123 11.05 7.61 15.40
CA ALA A 123 10.31 7.55 16.68
C ALA A 123 10.70 8.75 17.58
N TYR A 124 11.98 9.14 17.56
CA TYR A 124 12.56 10.26 18.33
C TYR A 124 11.85 11.56 17.93
N LEU A 125 11.60 11.71 16.64
CA LEU A 125 10.97 12.91 16.01
C LEU A 125 9.43 12.85 16.14
N GLY A 126 8.85 11.70 16.52
CA GLY A 126 7.39 11.54 16.62
C GLY A 126 6.68 11.61 15.27
N LEU A 127 7.27 11.06 14.21
CA LEU A 127 6.72 11.07 12.82
C LEU A 127 5.47 10.19 12.78
N PRO A 128 4.40 10.66 12.09
CA PRO A 128 3.15 9.91 12.01
C PRO A 128 3.23 8.58 11.24
N ALA A 129 4.17 8.48 10.30
CA ALA A 129 4.37 7.32 9.40
C ALA A 129 5.81 7.30 8.87
N PHE A 130 6.33 6.09 8.64
CA PHE A 130 7.65 5.80 8.06
C PHE A 130 7.43 4.84 6.88
N LEU A 131 8.08 5.10 5.72
CA LEU A 131 7.95 4.30 4.47
C LEU A 131 9.09 3.29 4.37
N LEU A 132 8.77 2.03 4.08
CA LEU A 132 9.77 0.96 3.83
C LEU A 132 9.38 0.23 2.55
N PRO A 133 10.35 -0.14 1.68
CA PRO A 133 10.02 -0.84 0.44
C PRO A 133 9.87 -2.37 0.58
N LEU A 134 8.89 -2.93 -0.12
CA LEU A 134 8.91 -4.35 -0.56
C LEU A 134 9.21 -4.36 -2.06
N ASN A 135 10.44 -4.72 -2.46
CA ASN A 135 10.93 -4.65 -3.87
C ASN A 135 11.53 -5.98 -4.32
N GLN A 136 11.62 -6.99 -3.46
CA GLN A 136 12.06 -8.37 -3.80
C GLN A 136 11.18 -9.37 -3.04
N GLU A 137 11.45 -10.67 -3.22
CA GLU A 137 10.63 -11.76 -2.65
C GLU A 137 11.04 -12.03 -1.20
N ASP A 138 12.34 -12.03 -0.86
CA ASP A 138 12.79 -12.36 0.52
C ASP A 138 13.01 -11.09 1.33
N ASN A 139 12.06 -10.79 2.23
CA ASN A 139 12.12 -9.65 3.19
C ASN A 139 12.03 -10.16 4.64
N THR A 140 12.50 -11.40 4.90
CA THR A 140 12.43 -12.09 6.21
C THR A 140 13.18 -11.29 7.27
N ASN A 141 14.44 -10.94 7.00
CA ASN A 141 15.29 -10.17 7.95
C ASN A 141 14.69 -8.77 8.10
N LEU A 142 14.22 -8.16 7.02
CA LEU A 142 13.57 -6.83 7.10
C LEU A 142 12.41 -6.90 8.10
N ALA A 143 11.59 -7.96 8.05
CA ALA A 143 10.40 -8.15 8.91
C ALA A 143 10.84 -8.38 10.37
N ARG A 144 11.89 -9.17 10.57
CA ARG A 144 12.46 -9.48 11.91
C ARG A 144 12.90 -8.18 12.58
N VAL A 145 13.56 -7.31 11.83
CA VAL A 145 14.11 -6.04 12.36
C VAL A 145 12.95 -5.09 12.62
N LEU A 146 11.98 -4.96 11.71
CA LEU A 146 10.83 -4.06 11.98
C LEU A 146 10.09 -4.58 13.23
N THR A 147 9.77 -5.88 13.27
CA THR A 147 9.03 -6.52 14.38
C THR A 147 9.77 -6.25 15.68
N ASN A 148 11.11 -6.21 15.65
CA ASN A 148 11.95 -6.01 16.87
C ASN A 148 11.75 -4.56 17.36
N HIS A 149 11.83 -3.57 16.46
CA HIS A 149 11.55 -2.13 16.73
C HIS A 149 10.11 -1.95 17.28
N ILE A 150 9.13 -2.60 16.67
CA ILE A 150 7.71 -2.46 17.06
C ILE A 150 7.56 -2.85 18.53
N HIS A 151 8.33 -3.82 19.02
CA HIS A 151 8.17 -4.38 20.39
C HIS A 151 9.19 -3.74 21.34
N THR A 152 9.59 -2.49 21.07
CA THR A 152 10.58 -1.69 21.85
C THR A 152 9.87 -0.41 22.35
N GLY A 153 8.91 -0.56 23.28
CA GLY A 153 7.99 0.50 23.74
C GLY A 153 6.76 0.61 22.85
N HIS A 154 5.55 0.67 23.42
CA HIS A 154 4.27 0.88 22.70
C HIS A 154 4.21 2.31 22.12
N HIS A 155 4.38 2.45 20.80
CA HIS A 155 4.29 3.75 20.06
C HIS A 155 3.12 3.70 19.06
N SER A 156 2.71 4.86 18.55
CA SER A 156 1.51 5.03 17.66
C SER A 156 1.90 4.92 16.18
N SER A 157 3.17 5.21 15.85
CA SER A 157 3.68 5.40 14.46
C SER A 157 3.19 4.28 13.52
N MET A 158 2.88 4.61 12.26
CA MET A 158 2.53 3.63 11.19
C MET A 158 3.77 3.33 10.32
N PHE A 159 3.85 2.10 9.86
CA PHE A 159 4.81 1.63 8.83
C PHE A 159 3.99 1.42 7.56
N TRP A 160 4.29 2.22 6.53
CA TRP A 160 3.71 2.13 5.17
C TRP A 160 4.67 1.29 4.31
N MET A 161 4.26 0.07 3.95
CA MET A 161 5.08 -0.82 3.08
C MET A 161 4.79 -0.48 1.61
N ARG A 162 5.77 0.16 0.95
CA ARG A 162 5.73 0.60 -0.48
C ARG A 162 5.85 -0.65 -1.37
N VAL A 163 4.78 -1.06 -2.01
CA VAL A 163 4.75 -2.28 -2.85
C VAL A 163 3.99 -1.95 -4.13
N PRO A 164 4.48 -2.40 -5.31
CA PRO A 164 3.78 -2.14 -6.58
C PRO A 164 2.72 -3.19 -6.98
N LEU A 165 1.72 -2.75 -7.77
CA LEU A 165 0.81 -3.70 -8.48
C LEU A 165 1.67 -4.65 -9.32
N VAL A 166 2.68 -4.10 -9.98
CA VAL A 166 3.52 -4.86 -10.94
C VAL A 166 5.00 -4.66 -10.57
N ALA A 167 5.66 -5.79 -10.30
CA ALA A 167 7.11 -5.92 -10.04
C ALA A 167 7.87 -5.30 -11.20
N PRO A 168 8.97 -4.56 -10.96
CA PRO A 168 9.74 -3.97 -12.06
C PRO A 168 10.17 -4.98 -13.15
N GLU A 169 10.55 -6.19 -12.74
CA GLU A 169 11.04 -7.29 -13.61
C GLU A 169 9.96 -7.66 -14.64
N ASP A 170 8.67 -7.51 -14.26
CA ASP A 170 7.48 -7.94 -15.03
C ASP A 170 6.91 -6.75 -15.82
N LEU A 171 7.61 -5.61 -15.74
CA LEU A 171 7.23 -4.29 -16.34
C LEU A 171 8.30 -3.81 -17.35
N ARG A 172 9.49 -4.45 -17.36
CA ARG A 172 10.69 -3.96 -18.06
C ARG A 172 10.40 -3.92 -19.55
N ASP A 173 11.08 -3.04 -20.27
CA ASP A 173 11.10 -2.98 -21.76
C ASP A 173 11.60 -4.34 -22.29
N ASP A 174 11.05 -4.81 -23.41
CA ASP A 174 11.42 -6.13 -23.98
C ASP A 174 12.68 -5.92 -24.84
N ILE A 175 13.77 -5.45 -24.23
CA ILE A 175 14.93 -4.93 -25.03
C ILE A 175 16.23 -5.72 -24.78
N ILE A 176 16.23 -6.74 -23.91
CA ILE A 176 17.41 -7.65 -23.74
C ILE A 176 17.30 -8.79 -24.76
N GLU A 177 18.20 -8.84 -25.74
CA GLU A 177 18.11 -9.76 -26.91
C GLU A 177 18.08 -11.21 -26.42
N ASN A 178 18.96 -11.60 -25.51
CA ASN A 178 19.13 -13.00 -25.01
C ASN A 178 18.40 -13.22 -23.67
N ALA A 179 17.46 -12.34 -23.27
CA ALA A 179 16.56 -12.53 -22.10
C ALA A 179 15.21 -11.87 -22.40
N PRO A 180 14.35 -12.52 -23.21
CA PRO A 180 13.07 -11.92 -23.62
C PRO A 180 12.05 -12.00 -22.48
N THR A 181 11.05 -11.12 -22.53
CA THR A 181 9.90 -11.05 -21.60
C THR A 181 8.86 -12.07 -22.05
N THR A 182 8.36 -12.92 -21.13
CA THR A 182 7.40 -14.02 -21.44
C THR A 182 6.05 -13.43 -21.88
N HIS A 183 5.55 -13.85 -23.05
CA HIS A 183 4.25 -13.45 -23.64
C HIS A 183 3.18 -14.53 -23.33
N THR A 184 3.31 -15.22 -22.19
CA THR A 184 2.45 -16.38 -21.82
C THR A 184 1.69 -16.07 -20.53
N GLU A 185 0.47 -16.59 -20.43
CA GLU A 185 -0.45 -16.47 -19.25
C GLU A 185 0.28 -17.01 -18.02
N GLU A 186 0.45 -16.17 -17.00
CA GLU A 186 1.15 -16.50 -15.72
C GLU A 186 0.31 -15.99 -14.53
N TYR A 187 -0.85 -16.63 -14.29
CA TYR A 187 -1.97 -16.13 -13.44
C TYR A 187 -1.46 -15.83 -12.02
N SER A 188 -0.83 -16.81 -11.38
CA SER A 188 -0.28 -16.70 -10.00
C SER A 188 0.96 -15.78 -9.99
N GLY A 189 1.85 -15.94 -10.97
CA GLY A 189 3.04 -15.09 -11.11
C GLY A 189 2.71 -13.61 -11.16
N GLU A 190 1.63 -13.18 -11.83
CA GLU A 190 1.27 -11.74 -12.01
C GLU A 190 0.77 -11.19 -10.67
N GLU A 191 0.49 -12.07 -9.71
CA GLU A 191 0.06 -11.74 -8.33
C GLU A 191 1.25 -11.78 -7.37
N LYS A 192 2.49 -11.93 -7.85
CA LYS A 192 3.66 -12.24 -6.96
C LYS A 192 3.84 -11.15 -5.88
N THR A 193 3.48 -9.90 -6.19
CA THR A 193 3.61 -8.66 -5.38
C THR A 193 2.68 -8.75 -4.15
N TRP A 194 1.46 -9.28 -4.31
CA TRP A 194 0.54 -9.51 -3.17
C TRP A 194 1.17 -10.53 -2.22
N MET A 195 1.81 -11.58 -2.73
N MET A 195 1.79 -11.59 -2.77
CA MET A 195 2.43 -12.64 -1.89
CA MET A 195 2.49 -12.66 -2.00
C MET A 195 3.63 -12.06 -1.14
C MET A 195 3.58 -12.01 -1.12
N TRP A 196 4.31 -11.04 -1.69
CA TRP A 196 5.42 -10.34 -0.97
C TRP A 196 4.85 -9.69 0.31
N TRP A 197 3.83 -8.85 0.15
CA TRP A 197 3.03 -8.23 1.23
C TRP A 197 2.52 -9.30 2.22
N HIS A 198 1.84 -10.32 1.72
CA HIS A 198 1.19 -11.36 2.56
C HIS A 198 2.24 -12.00 3.49
N ASN A 199 3.38 -12.40 2.94
CA ASN A 199 4.45 -13.11 3.71
C ASN A 199 5.03 -12.15 4.75
N PHE A 200 5.27 -10.89 4.39
CA PHE A 200 5.83 -9.87 5.30
C PHE A 200 4.87 -9.67 6.49
N ARG A 201 3.61 -9.34 6.19
CA ARG A 201 2.58 -9.08 7.21
C ARG A 201 2.42 -10.31 8.12
N THR A 202 2.59 -11.54 7.61
CA THR A 202 2.39 -12.79 8.39
C THR A 202 3.54 -12.95 9.37
N LEU A 203 4.76 -12.76 8.87
CA LEU A 203 6.02 -12.78 9.67
C LEU A 203 5.87 -11.82 10.86
N CYS A 204 5.31 -10.62 10.63
CA CYS A 204 5.13 -9.51 11.62
C CYS A 204 3.85 -9.68 12.47
N ASP A 205 3.11 -10.79 12.31
CA ASP A 205 1.96 -11.23 13.13
C ASP A 205 0.82 -10.22 13.02
N TYR A 206 0.58 -9.69 11.83
CA TYR A 206 -0.66 -8.92 11.51
C TYR A 206 -0.74 -7.68 12.39
N SER A 207 0.40 -7.12 12.80
CA SER A 207 0.50 -5.82 13.52
C SER A 207 -0.40 -4.78 12.86
N LYS A 208 -1.14 -4.00 13.65
CA LYS A 208 -2.09 -2.98 13.15
C LYS A 208 -1.31 -1.73 12.75
N ARG A 209 0.00 -1.74 13.00
CA ARG A 209 0.87 -0.57 12.72
C ARG A 209 1.51 -0.73 11.32
N ILE A 210 1.30 -1.86 10.65
CA ILE A 210 1.88 -2.16 9.30
C ILE A 210 0.77 -2.13 8.25
N ALA A 211 0.78 -1.11 7.39
CA ALA A 211 -0.18 -0.90 6.29
C ALA A 211 0.55 -0.92 4.93
N VAL A 212 -0.21 -0.76 3.85
CA VAL A 212 0.28 -0.82 2.45
C VAL A 212 0.29 0.59 1.85
N ALA A 213 1.37 0.94 1.16
CA ALA A 213 1.44 2.08 0.24
C ALA A 213 1.50 1.50 -1.18
N LEU A 214 0.34 1.36 -1.82
CA LEU A 214 0.22 0.66 -3.12
C LEU A 214 0.75 1.57 -4.23
N GLU A 215 1.77 1.12 -4.95
CA GLU A 215 2.38 1.88 -6.06
C GLU A 215 1.87 1.40 -7.44
N ILE A 216 1.42 2.35 -8.26
CA ILE A 216 0.61 2.16 -9.50
C ILE A 216 1.44 2.57 -10.73
N GLY A 217 1.57 1.67 -11.70
CA GLY A 217 2.47 1.83 -12.86
C GLY A 217 1.75 2.34 -14.09
N ALA A 218 2.54 2.63 -15.14
CA ALA A 218 2.09 3.11 -16.46
C ALA A 218 1.01 2.16 -16.99
N ASP A 219 1.20 0.84 -16.87
CA ASP A 219 0.27 -0.16 -17.44
C ASP A 219 -0.26 -1.02 -16.30
N LEU A 220 -1.56 -0.90 -16.02
CA LEU A 220 -2.26 -1.66 -14.95
C LEU A 220 -2.21 -3.14 -15.31
N PRO A 221 -2.18 -4.05 -14.32
CA PRO A 221 -2.22 -5.48 -14.60
C PRO A 221 -3.67 -5.88 -14.89
N SER A 222 -3.92 -7.18 -15.04
CA SER A 222 -5.27 -7.80 -15.12
C SER A 222 -6.05 -7.45 -13.84
N ASN A 223 -7.38 -7.45 -13.89
CA ASN A 223 -8.24 -7.05 -12.74
C ASN A 223 -7.96 -7.99 -11.56
N HIS A 224 -7.84 -9.30 -11.81
CA HIS A 224 -7.63 -10.31 -10.74
C HIS A 224 -6.43 -9.90 -9.87
N VAL A 225 -5.40 -9.31 -10.49
CA VAL A 225 -4.16 -8.84 -9.80
C VAL A 225 -4.51 -7.66 -8.89
N ILE A 226 -5.40 -6.78 -9.35
CA ILE A 226 -5.89 -5.59 -8.59
C ILE A 226 -6.79 -6.10 -7.46
N ASP A 227 -7.79 -6.90 -7.79
CA ASP A 227 -8.79 -7.47 -6.84
C ASP A 227 -8.06 -8.14 -5.65
N ARG A 228 -6.84 -8.62 -5.85
CA ARG A 228 -6.02 -9.18 -4.74
C ARG A 228 -5.95 -8.20 -3.55
N TRP A 229 -5.91 -6.89 -3.80
CA TRP A 229 -5.68 -5.83 -2.79
C TRP A 229 -7.00 -5.38 -2.13
N LEU A 230 -8.11 -6.00 -2.52
CA LEU A 230 -9.39 -5.87 -1.80
C LEU A 230 -9.22 -6.49 -0.42
N GLY A 231 -9.70 -5.78 0.60
CA GLY A 231 -9.64 -6.25 1.99
C GLY A 231 -8.33 -5.94 2.68
N GLU A 232 -7.36 -5.37 1.96
CA GLU A 232 -5.99 -5.10 2.47
C GLU A 232 -5.96 -3.69 3.08
N PRO A 233 -5.17 -3.50 4.15
CA PRO A 233 -5.05 -2.20 4.83
C PRO A 233 -4.24 -1.19 4.01
N ILE A 234 -4.87 -0.61 3.02
CA ILE A 234 -4.26 0.40 2.12
C ILE A 234 -4.49 1.78 2.76
N LYS A 235 -3.41 2.39 3.25
CA LYS A 235 -3.41 3.77 3.79
C LYS A 235 -2.97 4.77 2.72
N ALA A 236 -2.14 4.36 1.74
CA ALA A 236 -1.66 5.26 0.67
C ALA A 236 -1.71 4.57 -0.70
N ALA A 237 -1.98 5.36 -1.75
CA ALA A 237 -1.75 5.03 -3.18
C ALA A 237 -0.69 5.99 -3.75
N ILE A 238 0.38 5.46 -4.33
CA ILE A 238 1.51 6.27 -4.91
C ILE A 238 1.32 6.36 -6.43
N LEU A 239 1.22 7.58 -6.97
CA LEU A 239 1.10 7.86 -8.44
C LEU A 239 2.36 8.53 -8.95
N PRO A 240 3.25 7.84 -9.72
CA PRO A 240 4.37 8.51 -10.38
C PRO A 240 3.89 9.46 -11.48
N THR A 241 4.59 10.58 -11.66
CA THR A 241 4.31 11.56 -12.73
C THR A 241 4.27 10.89 -14.12
N SER A 242 5.08 9.83 -14.34
CA SER A 242 5.17 9.06 -15.62
C SER A 242 3.77 8.72 -16.15
N ILE A 243 2.88 8.20 -15.27
CA ILE A 243 1.64 7.46 -15.68
C ILE A 243 0.60 8.44 -16.24
N PHE A 244 0.77 9.74 -15.97
CA PHE A 244 -0.13 10.82 -16.45
C PHE A 244 0.09 11.05 -17.94
N LEU A 245 -0.95 10.78 -18.74
CA LEU A 245 -1.06 11.17 -20.17
C LEU A 245 -1.14 12.70 -20.25
N THR A 246 -1.14 13.25 -21.47
CA THR A 246 -1.32 14.70 -21.74
C THR A 246 -2.54 14.88 -22.65
N ASN A 247 -3.23 16.02 -22.54
CA ASN A 247 -4.50 16.34 -23.26
C ASN A 247 -4.26 17.52 -24.21
N LYS A 248 -5.31 17.98 -24.88
CA LYS A 248 -5.26 19.09 -25.88
C LYS A 248 -4.50 20.28 -25.28
N LYS A 249 -4.95 20.76 -24.11
CA LYS A 249 -4.48 22.00 -23.46
C LYS A 249 -3.02 21.86 -23.00
N GLY A 250 -2.61 20.64 -22.64
CA GLY A 250 -1.29 20.35 -22.04
C GLY A 250 -1.40 19.73 -20.65
N PHE A 251 -2.61 19.68 -20.06
CA PHE A 251 -2.86 19.37 -18.61
C PHE A 251 -2.52 17.90 -18.42
N PRO A 252 -1.91 17.49 -17.28
CA PRO A 252 -1.72 16.07 -16.98
C PRO A 252 -3.09 15.48 -16.60
N VAL A 253 -3.37 14.27 -17.09
CA VAL A 253 -4.66 13.54 -16.89
C VAL A 253 -4.34 12.04 -16.84
N LEU A 254 -5.35 11.18 -16.63
CA LEU A 254 -5.16 9.72 -16.51
C LEU A 254 -6.09 8.98 -17.48
N SER A 255 -5.65 7.79 -17.91
CA SER A 255 -6.45 6.82 -18.70
C SER A 255 -7.74 6.50 -17.94
N LYS A 256 -8.82 6.17 -18.66
CA LYS A 256 -10.15 5.88 -18.06
C LYS A 256 -10.04 4.68 -17.10
N MET A 257 -9.08 3.79 -17.30
CA MET A 257 -8.85 2.61 -16.41
C MET A 257 -8.15 3.06 -15.12
N HIS A 258 -7.22 4.01 -15.23
CA HIS A 258 -6.54 4.63 -14.07
C HIS A 258 -7.60 5.39 -13.27
N GLN A 259 -8.51 6.10 -13.94
CA GLN A 259 -9.60 6.86 -13.28
C GLN A 259 -10.48 5.89 -12.49
N ARG A 260 -10.80 4.72 -13.06
CA ARG A 260 -11.60 3.66 -12.38
C ARG A 260 -10.94 3.28 -11.04
N LEU A 261 -9.63 3.01 -11.07
CA LEU A 261 -8.85 2.59 -9.87
C LEU A 261 -8.86 3.71 -8.82
N ILE A 262 -8.69 4.97 -9.24
CA ILE A 262 -8.73 6.14 -8.31
C ILE A 262 -10.09 6.11 -7.60
N PHE A 263 -11.18 6.06 -8.36
CA PHE A 263 -12.57 6.06 -7.83
C PHE A 263 -12.71 4.93 -6.80
N ARG A 264 -12.18 3.73 -7.07
CA ARG A 264 -12.15 2.61 -6.09
C ARG A 264 -11.45 3.11 -4.83
N LEU A 265 -10.26 3.71 -4.96
CA LEU A 265 -9.37 4.08 -3.83
C LEU A 265 -10.00 5.23 -3.01
N LEU A 266 -10.64 6.19 -3.68
CA LEU A 266 -11.31 7.32 -2.98
C LEU A 266 -12.31 6.76 -1.96
N LYS A 267 -13.00 5.67 -2.28
CA LYS A 267 -13.98 5.02 -1.36
C LYS A 267 -13.25 4.35 -0.19
N LEU A 268 -11.98 3.96 -0.33
CA LEU A 268 -11.15 3.52 0.82
C LEU A 268 -10.51 4.72 1.55
N GLU A 269 -10.96 5.95 1.28
CA GLU A 269 -10.33 7.20 1.81
C GLU A 269 -8.83 6.97 2.06
N VAL A 270 -8.08 6.71 1.00
CA VAL A 270 -6.60 6.57 1.05
C VAL A 270 -5.98 7.95 0.90
N GLN A 271 -4.71 8.08 1.27
CA GLN A 271 -3.89 9.28 0.99
C GLN A 271 -3.17 9.04 -0.34
N PHE A 272 -3.19 10.02 -1.23
CA PHE A 272 -2.49 9.99 -2.55
C PHE A 272 -1.13 10.68 -2.39
N ILE A 273 -0.10 9.99 -2.85
CA ILE A 273 1.32 10.46 -2.85
C ILE A 273 1.74 10.61 -4.32
N ILE A 274 2.17 11.82 -4.72
CA ILE A 274 2.77 12.12 -6.04
C ILE A 274 4.28 11.97 -5.90
N THR A 275 4.89 11.09 -6.72
CA THR A 275 6.35 10.80 -6.74
C THR A 275 6.90 11.06 -8.14
N GLY A 276 8.19 11.40 -8.25
CA GLY A 276 8.88 11.70 -9.53
C GLY A 276 8.90 13.19 -9.83
N THR A 277 9.57 13.59 -10.92
CA THR A 277 9.77 15.00 -11.33
C THR A 277 8.60 15.46 -12.23
N ASN A 278 8.44 16.78 -12.34
CA ASN A 278 7.40 17.45 -13.17
C ASN A 278 7.77 17.30 -14.65
N HIS A 279 7.15 16.35 -15.35
CA HIS A 279 7.35 16.08 -16.80
C HIS A 279 6.51 17.02 -17.66
N HIS A 280 5.41 17.58 -17.10
CA HIS A 280 4.56 18.62 -17.76
C HIS A 280 5.09 20.00 -17.39
N SER A 281 6.23 20.36 -18.01
CA SER A 281 7.09 21.54 -17.71
C SER A 281 6.28 22.85 -17.83
N GLU A 282 5.54 23.01 -18.94
CA GLU A 282 4.73 24.22 -19.26
C GLU A 282 3.71 24.49 -18.15
N LYS A 283 3.21 23.44 -17.48
CA LYS A 283 2.24 23.55 -16.37
C LYS A 283 2.94 23.43 -15.02
N GLU A 284 2.35 24.08 -14.02
CA GLU A 284 2.78 24.09 -12.59
C GLU A 284 2.66 22.66 -12.01
N PHE A 285 2.88 22.52 -10.69
CA PHE A 285 2.79 21.25 -9.93
C PHE A 285 1.48 21.18 -9.12
N CYS A 286 0.68 22.25 -9.18
CA CYS A 286 -0.73 22.28 -8.71
C CYS A 286 -1.58 21.34 -9.58
N SER A 287 -1.27 21.31 -10.88
CA SER A 287 -2.06 20.62 -11.94
C SER A 287 -2.30 19.14 -11.55
N TYR A 288 -1.24 18.34 -11.42
CA TYR A 288 -1.32 16.92 -10.99
C TYR A 288 -2.36 16.78 -9.87
N LEU A 289 -2.20 17.55 -8.80
CA LEU A 289 -3.10 17.55 -7.63
C LEU A 289 -4.49 18.01 -8.08
N GLN A 290 -4.56 19.10 -8.86
CA GLN A 290 -5.81 19.72 -9.36
C GLN A 290 -6.61 18.69 -10.17
N TYR A 291 -5.94 17.71 -10.77
CA TYR A 291 -6.63 16.63 -11.54
C TYR A 291 -7.34 15.70 -10.55
N LEU A 292 -6.65 15.23 -9.52
CA LEU A 292 -7.23 14.36 -8.45
C LEU A 292 -8.43 15.06 -7.80
N GLU A 293 -8.30 16.35 -7.52
CA GLU A 293 -9.40 17.20 -6.98
C GLU A 293 -10.59 17.10 -7.96
N TYR A 294 -10.34 17.45 -9.22
CA TYR A 294 -11.33 17.38 -10.34
C TYR A 294 -12.00 15.99 -10.34
N LEU A 295 -11.23 14.94 -10.08
CA LEU A 295 -11.72 13.53 -10.07
C LEU A 295 -12.60 13.28 -8.84
N SER A 296 -12.17 13.68 -7.64
CA SER A 296 -12.93 13.40 -6.38
C SER A 296 -14.24 14.21 -6.39
N GLN A 297 -14.24 15.44 -6.91
CA GLN A 297 -15.43 16.34 -6.93
C GLN A 297 -16.46 15.86 -7.97
N ASN A 298 -16.03 15.15 -9.01
CA ASN A 298 -16.87 14.78 -10.18
C ASN A 298 -17.14 13.27 -10.17
N ARG A 299 -17.28 12.68 -8.99
CA ARG A 299 -17.69 11.26 -8.82
C ARG A 299 -19.19 11.23 -8.59
N PRO A 300 -19.85 10.04 -8.57
CA PRO A 300 -21.27 9.95 -8.21
C PRO A 300 -21.45 10.26 -6.73
N PRO A 301 -22.19 11.34 -6.37
CA PRO A 301 -22.30 11.75 -4.97
C PRO A 301 -22.92 10.64 -4.12
N PRO A 302 -22.96 10.78 -2.77
CA PRO A 302 -23.49 9.73 -1.91
C PRO A 302 -25.03 9.60 -1.98
N ASN A 303 -25.54 8.38 -2.17
CA ASN A 303 -26.99 8.04 -2.11
C ASN A 303 -27.43 8.03 -0.63
N ALA A 304 -28.71 7.79 -0.36
CA ALA A 304 -29.32 7.90 1.00
C ALA A 304 -28.67 6.89 1.96
N TYR A 305 -28.39 5.67 1.48
CA TYR A 305 -27.77 4.57 2.26
C TYR A 305 -26.31 4.93 2.60
N GLU A 306 -25.51 5.30 1.60
CA GLU A 306 -24.07 5.65 1.73
C GLU A 306 -23.92 6.84 2.70
N LEU A 307 -24.64 7.95 2.45
CA LEU A 307 -24.62 9.17 3.29
C LEU A 307 -24.92 8.78 4.76
N PHE A 308 -25.96 7.98 4.99
CA PHE A 308 -26.38 7.49 6.34
C PHE A 308 -25.25 6.73 7.05
N ALA A 309 -24.63 5.80 6.35
CA ALA A 309 -23.74 4.75 6.90
C ALA A 309 -22.28 5.21 6.89
N LYS A 310 -22.01 6.44 6.45
CA LYS A 310 -20.64 7.00 6.21
C LYS A 310 -19.76 6.78 7.46
N GLY A 311 -20.30 7.02 8.66
CA GLY A 311 -19.53 6.94 9.91
C GLY A 311 -19.28 5.51 10.37
N TYR A 312 -20.03 4.52 9.87
CA TYR A 312 -20.09 3.14 10.43
C TYR A 312 -19.17 2.15 9.69
N GLU A 313 -18.44 2.57 8.66
CA GLU A 313 -17.62 1.65 7.81
C GLU A 313 -16.73 0.76 8.68
N ASP A 314 -16.91 -0.55 8.63
CA ASP A 314 -16.07 -1.57 9.31
C ASP A 314 -16.01 -1.36 10.83
N TYR A 315 -17.00 -0.69 11.40
CA TYR A 315 -17.17 -0.54 12.87
C TYR A 315 -17.88 -1.78 13.40
N LEU A 316 -17.21 -2.57 14.24
CA LEU A 316 -17.82 -3.78 14.86
C LEU A 316 -18.72 -3.36 16.04
N GLN A 317 -19.97 -3.81 16.06
CA GLN A 317 -20.89 -3.73 17.23
C GLN A 317 -21.42 -5.13 17.57
N SER A 318 -21.58 -5.42 18.84
CA SER A 318 -22.32 -6.62 19.31
C SER A 318 -23.76 -6.54 18.83
N PRO A 319 -24.38 -7.67 18.43
CA PRO A 319 -25.77 -7.66 17.99
C PRO A 319 -26.66 -7.35 19.20
N LEU A 320 -27.62 -6.43 19.01
CA LEU A 320 -28.77 -6.17 19.90
C LEU A 320 -29.51 -7.49 20.17
N GLN A 321 -30.02 -7.62 21.40
CA GLN A 321 -30.91 -8.71 21.85
C GLN A 321 -32.15 -8.05 22.45
N PRO A 322 -33.16 -7.67 21.63
CA PRO A 322 -34.31 -6.93 22.13
C PRO A 322 -35.25 -7.78 22.99
N LEU A 323 -35.11 -9.11 22.94
CA LEU A 323 -35.80 -10.06 23.86
C LEU A 323 -35.18 -9.98 25.26
N MET A 324 -33.91 -10.39 25.42
CA MET A 324 -33.20 -10.51 26.72
C MET A 324 -33.02 -9.11 27.34
N ASP A 325 -32.83 -8.09 26.52
CA ASP A 325 -32.52 -6.71 26.97
C ASP A 325 -33.65 -5.77 26.58
N ASN A 326 -33.78 -4.67 27.31
CA ASN A 326 -34.70 -3.56 26.97
C ASN A 326 -33.92 -2.49 26.18
N LEU A 327 -34.23 -2.34 24.89
CA LEU A 327 -33.64 -1.29 24.01
C LEU A 327 -33.88 0.10 24.62
N GLU A 328 -32.94 1.02 24.40
CA GLU A 328 -33.00 2.44 24.79
C GLU A 328 -33.90 3.25 23.86
N SER A 329 -34.33 4.44 24.31
CA SER A 329 -35.12 5.43 23.53
C SER A 329 -34.46 5.65 22.17
N GLN A 330 -33.15 5.97 22.17
CA GLN A 330 -32.42 6.46 20.96
C GLN A 330 -32.25 5.33 19.95
N THR A 331 -32.35 4.07 20.37
CA THR A 331 -32.31 2.86 19.50
C THR A 331 -33.65 2.70 18.75
N TYR A 332 -34.79 2.88 19.43
CA TYR A 332 -36.12 2.89 18.78
C TYR A 332 -36.13 4.04 17.77
N GLU A 333 -35.63 5.21 18.16
CA GLU A 333 -35.58 6.41 17.28
C GLU A 333 -34.93 6.07 15.91
N VAL A 334 -33.84 5.30 15.87
CA VAL A 334 -33.17 5.01 14.56
C VAL A 334 -33.97 3.92 13.82
N PHE A 335 -34.52 2.94 14.52
CA PHE A 335 -35.45 1.93 13.95
C PHE A 335 -36.61 2.62 13.20
N GLU A 336 -37.08 3.76 13.67
CA GLU A 336 -38.30 4.47 13.21
C GLU A 336 -37.97 5.45 12.08
N LYS A 337 -36.69 5.72 11.84
CA LYS A 337 -36.22 6.71 10.83
C LYS A 337 -35.89 5.93 9.56
N ASP A 338 -36.90 5.23 9.02
CA ASP A 338 -36.76 4.28 7.88
C ASP A 338 -38.07 4.23 7.13
N PRO A 339 -38.44 5.30 6.39
CA PRO A 339 -39.78 5.41 5.82
C PRO A 339 -40.11 4.30 4.80
N ILE A 340 -39.10 3.84 4.03
CA ILE A 340 -39.21 2.71 3.04
C ILE A 340 -39.67 1.44 3.77
N LYS A 341 -39.08 1.11 4.90
CA LYS A 341 -39.45 -0.13 5.65
C LYS A 341 -40.93 -0.09 6.08
N TYR A 342 -41.48 1.07 6.44
CA TYR A 342 -42.83 1.17 7.04
C TYR A 342 -43.88 1.31 5.93
N SER A 343 -43.54 1.99 4.82
CA SER A 343 -44.30 1.95 3.53
C SER A 343 -44.62 0.49 3.17
N GLN A 344 -43.62 -0.38 3.30
CA GLN A 344 -43.71 -1.82 2.90
C GLN A 344 -44.62 -2.56 3.88
N TYR A 345 -44.50 -2.30 5.17
CA TYR A 345 -45.41 -2.87 6.19
C TYR A 345 -46.84 -2.39 5.91
N GLN A 346 -47.03 -1.10 5.63
CA GLN A 346 -48.35 -0.49 5.31
C GLN A 346 -48.97 -1.22 4.10
N GLN A 347 -48.20 -1.37 3.02
CA GLN A 347 -48.68 -2.02 1.78
C GLN A 347 -49.04 -3.49 2.08
N ALA A 348 -48.24 -4.20 2.88
CA ALA A 348 -48.48 -5.62 3.21
C ALA A 348 -49.78 -5.78 4.01
N ILE A 349 -50.07 -4.84 4.91
CA ILE A 349 -51.31 -4.82 5.72
C ILE A 349 -52.49 -4.42 4.81
N TYR A 350 -52.30 -3.40 3.96
CA TYR A 350 -53.26 -2.92 2.94
C TYR A 350 -53.77 -4.09 2.09
N LYS A 351 -52.85 -4.82 1.45
CA LYS A 351 -53.20 -5.94 0.54
C LYS A 351 -53.85 -7.08 1.33
N CYS A 352 -53.41 -7.37 2.56
CA CYS A 352 -53.98 -8.46 3.39
C CYS A 352 -55.44 -8.14 3.75
N LEU A 353 -55.72 -6.89 4.11
CA LEU A 353 -57.07 -6.44 4.54
C LEU A 353 -58.07 -6.65 3.39
N LEU A 354 -57.67 -6.36 2.15
CA LEU A 354 -58.56 -6.48 0.97
C LEU A 354 -58.81 -7.97 0.65
N ASP A 355 -57.83 -8.86 0.88
CA ASP A 355 -57.98 -10.31 0.55
C ASP A 355 -58.90 -11.01 1.55
N ARG A 356 -59.05 -10.47 2.77
CA ARG A 356 -59.76 -11.13 3.91
C ARG A 356 -61.19 -10.61 4.08
N VAL A 357 -61.44 -9.35 3.71
CA VAL A 357 -62.74 -8.65 3.93
C VAL A 357 -63.28 -8.16 2.58
N PRO A 358 -64.28 -8.85 1.99
CA PRO A 358 -64.91 -8.41 0.75
C PRO A 358 -65.55 -7.01 0.88
N GLU A 359 -65.59 -6.26 -0.24
CA GLU A 359 -66.14 -4.88 -0.36
C GLU A 359 -67.48 -4.76 0.38
N GLU A 360 -68.40 -5.70 0.14
CA GLU A 360 -69.80 -5.64 0.64
C GLU A 360 -69.85 -6.01 2.13
N GLU A 361 -68.72 -6.35 2.75
CA GLU A 361 -68.61 -6.62 4.22
C GLU A 361 -67.84 -5.49 4.93
N LYS A 362 -67.50 -4.39 4.24
CA LYS A 362 -66.52 -3.37 4.71
C LYS A 362 -67.00 -2.71 6.02
N ASP A 363 -68.31 -2.53 6.17
CA ASP A 363 -68.92 -1.85 7.36
C ASP A 363 -69.13 -2.86 8.50
N THR A 364 -69.30 -4.14 8.17
CA THR A 364 -69.68 -5.22 9.13
C THR A 364 -68.46 -5.94 9.71
N ASN A 365 -67.44 -6.26 8.90
CA ASN A 365 -66.27 -7.09 9.30
C ASN A 365 -65.12 -6.18 9.79
N VAL A 366 -64.96 -6.13 11.12
CA VAL A 366 -63.82 -5.50 11.85
C VAL A 366 -62.75 -6.59 12.11
N GLN A 367 -61.57 -6.45 11.50
CA GLN A 367 -60.44 -7.42 11.62
C GLN A 367 -59.66 -7.16 12.93
N VAL A 368 -59.28 -8.25 13.63
CA VAL A 368 -58.44 -8.19 14.86
C VAL A 368 -56.96 -8.28 14.44
N LEU A 369 -56.27 -7.15 14.63
CA LEU A 369 -54.90 -6.83 14.18
C LEU A 369 -53.98 -6.66 15.41
N MET A 370 -52.94 -7.49 15.56
CA MET A 370 -52.08 -7.54 16.77
C MET A 370 -50.60 -7.30 16.40
N VAL A 371 -50.04 -6.16 16.81
CA VAL A 371 -48.58 -5.85 16.68
C VAL A 371 -47.84 -6.54 17.83
N LEU A 372 -46.93 -7.45 17.53
CA LEU A 372 -46.18 -8.27 18.53
C LEU A 372 -44.73 -7.78 18.60
N GLY A 373 -44.42 -6.97 19.62
CA GLY A 373 -43.18 -6.19 19.74
C GLY A 373 -43.31 -4.83 19.10
N ALA A 374 -44.15 -3.96 19.67
CA ALA A 374 -44.65 -2.72 19.05
C ALA A 374 -43.72 -1.53 19.30
N GLY A 375 -42.70 -1.69 20.14
CA GLY A 375 -41.79 -0.61 20.57
C GLY A 375 -42.55 0.64 20.96
N ARG A 376 -42.25 1.78 20.31
CA ARG A 376 -42.96 3.08 20.47
C ARG A 376 -44.08 3.29 19.45
N GLY A 377 -44.48 2.27 18.67
CA GLY A 377 -45.75 2.24 17.91
C GLY A 377 -45.68 2.48 16.39
N PRO A 378 -44.53 2.37 15.67
CA PRO A 378 -44.53 2.71 14.24
C PRO A 378 -45.37 1.75 13.38
N LEU A 379 -45.49 0.48 13.78
CA LEU A 379 -46.32 -0.53 13.06
C LEU A 379 -47.80 -0.31 13.37
N VAL A 380 -48.12 0.07 14.61
CA VAL A 380 -49.48 0.53 15.02
C VAL A 380 -49.95 1.62 14.05
N ASN A 381 -49.14 2.66 13.82
CA ASN A 381 -49.52 3.82 12.95
C ASN A 381 -49.64 3.35 11.50
N ALA A 382 -48.74 2.48 11.03
CA ALA A 382 -48.76 1.91 9.67
C ALA A 382 -50.04 1.08 9.51
N SER A 383 -50.47 0.39 10.57
CA SER A 383 -51.71 -0.44 10.60
C SER A 383 -52.95 0.44 10.43
N LEU A 384 -52.98 1.60 11.08
CA LEU A 384 -54.10 2.59 10.96
C LEU A 384 -54.08 3.21 9.55
N ARG A 385 -52.91 3.65 9.08
CA ARG A 385 -52.74 4.26 7.73
C ARG A 385 -53.25 3.28 6.67
N ALA A 386 -52.98 1.98 6.85
CA ALA A 386 -53.35 0.86 5.95
C ALA A 386 -54.87 0.72 5.90
N ALA A 387 -55.50 0.63 7.07
CA ALA A 387 -56.96 0.45 7.23
C ALA A 387 -57.70 1.66 6.62
N LYS A 388 -57.19 2.88 6.82
CA LYS A 388 -57.82 4.11 6.26
C LYS A 388 -57.65 4.12 4.74
N GLN A 389 -56.55 3.55 4.23
CA GLN A 389 -56.22 3.51 2.77
C GLN A 389 -57.08 2.44 2.05
N ALA A 390 -57.27 1.28 2.69
CA ALA A 390 -58.06 0.12 2.17
C ALA A 390 -59.55 0.31 2.47
N ASP A 391 -59.89 1.30 3.29
CA ASP A 391 -61.29 1.58 3.71
C ASP A 391 -61.88 0.30 4.33
N ARG A 392 -61.22 -0.21 5.39
CA ARG A 392 -61.69 -1.38 6.19
C ARG A 392 -61.54 -1.07 7.69
N ARG A 393 -62.42 -1.65 8.51
CA ARG A 393 -62.47 -1.44 9.98
C ARG A 393 -61.51 -2.44 10.64
N ILE A 394 -60.67 -1.98 11.57
CA ILE A 394 -59.67 -2.82 12.29
C ILE A 394 -59.77 -2.59 13.80
N LYS A 395 -59.34 -3.58 14.58
CA LYS A 395 -59.17 -3.46 16.06
C LYS A 395 -57.74 -3.83 16.43
N LEU A 396 -56.98 -2.86 16.96
CA LEU A 396 -55.53 -3.01 17.26
C LEU A 396 -55.29 -3.35 18.75
N TYR A 397 -54.47 -4.38 19.00
CA TYR A 397 -53.71 -4.59 20.25
C TYR A 397 -52.24 -4.29 19.97
N ALA A 398 -51.56 -3.60 20.88
CA ALA A 398 -50.13 -3.26 20.80
C ALA A 398 -49.39 -4.01 21.91
N VAL A 399 -48.66 -5.09 21.58
CA VAL A 399 -48.03 -5.96 22.60
C VAL A 399 -46.51 -5.67 22.66
N GLU A 400 -46.03 -5.28 23.85
CA GLU A 400 -44.65 -4.79 24.09
C GLU A 400 -44.23 -5.10 25.52
N LYS A 401 -43.13 -5.85 25.71
CA LYS A 401 -42.66 -6.34 27.03
C LYS A 401 -41.66 -5.34 27.65
N ASN A 402 -41.05 -4.48 26.84
CA ASN A 402 -40.16 -3.39 27.30
C ASN A 402 -41.03 -2.33 27.96
N PRO A 403 -41.13 -2.27 29.31
CA PRO A 403 -42.09 -1.38 29.95
C PRO A 403 -41.73 0.10 29.77
N ASN A 404 -40.49 0.39 29.34
CA ASN A 404 -40.01 1.78 29.09
C ASN A 404 -40.72 2.32 27.83
N ALA A 405 -40.78 1.51 26.76
CA ALA A 405 -41.48 1.80 25.49
C ALA A 405 -43.00 1.85 25.74
N VAL A 406 -43.50 0.95 26.59
CA VAL A 406 -44.94 0.92 27.01
C VAL A 406 -45.38 2.31 27.50
N VAL A 407 -44.48 3.06 28.11
CA VAL A 407 -44.78 4.45 28.57
C VAL A 407 -45.11 5.29 27.34
N THR A 408 -44.32 5.15 26.27
CA THR A 408 -44.47 5.93 25.01
C THR A 408 -45.81 5.57 24.36
N LEU A 409 -46.12 4.27 24.32
CA LEU A 409 -47.37 3.70 23.73
C LEU A 409 -48.60 4.26 24.47
N GLU A 410 -48.56 4.29 25.81
CA GLU A 410 -49.76 4.61 26.64
C GLU A 410 -50.03 6.12 26.55
N ASN A 411 -48.99 6.96 26.42
CA ASN A 411 -49.17 8.43 26.22
C ASN A 411 -49.77 8.68 24.81
N TRP A 412 -49.29 7.98 23.76
CA TRP A 412 -49.87 7.97 22.39
C TRP A 412 -51.36 7.55 22.42
N GLN A 413 -51.65 6.43 23.09
CA GLN A 413 -53.01 5.80 23.18
C GLN A 413 -54.01 6.77 23.84
N PHE A 414 -53.65 7.41 24.97
CA PHE A 414 -54.51 8.42 25.66
C PHE A 414 -54.58 9.71 24.84
N GLU A 415 -53.47 10.13 24.22
CA GLU A 415 -53.39 11.47 23.55
C GLU A 415 -54.08 11.40 22.18
N GLU A 416 -53.85 10.36 21.36
CA GLU A 416 -54.24 10.33 19.92
C GLU A 416 -55.06 9.07 19.55
N TRP A 417 -54.58 7.87 19.84
CA TRP A 417 -55.18 6.62 19.30
C TRP A 417 -56.57 6.36 19.87
N GLY A 418 -56.78 6.58 21.16
CA GLY A 418 -58.02 6.20 21.88
C GLY A 418 -58.23 4.70 21.93
N SER A 419 -59.47 4.28 22.19
CA SER A 419 -59.87 2.90 22.53
C SER A 419 -59.74 1.94 21.35
N GLN A 420 -59.55 2.44 20.11
CA GLN A 420 -59.22 1.57 18.95
C GLN A 420 -58.02 0.67 19.30
N VAL A 421 -56.98 1.24 19.91
CA VAL A 421 -55.73 0.52 20.31
C VAL A 421 -55.80 0.15 21.79
N THR A 422 -55.54 -1.12 22.11
CA THR A 422 -55.27 -1.65 23.47
C THR A 422 -53.77 -1.97 23.59
N VAL A 423 -53.04 -1.21 24.40
CA VAL A 423 -51.62 -1.48 24.77
C VAL A 423 -51.62 -2.68 25.72
N VAL A 424 -50.77 -3.67 25.47
CA VAL A 424 -50.57 -4.86 26.35
C VAL A 424 -49.09 -4.92 26.69
N SER A 425 -48.77 -4.67 27.95
CA SER A 425 -47.41 -4.69 28.54
C SER A 425 -47.07 -6.10 29.02
N SER A 426 -46.72 -7.02 28.11
CA SER A 426 -46.29 -8.40 28.47
C SER A 426 -45.55 -9.13 27.34
N ASP A 427 -44.95 -10.27 27.71
CA ASP A 427 -44.29 -11.21 26.79
C ASP A 427 -45.34 -11.92 25.93
N MET A 428 -45.18 -11.95 24.61
CA MET A 428 -46.19 -12.54 23.70
C MET A 428 -46.32 -14.06 23.91
N ARG A 429 -45.39 -14.71 24.62
CA ARG A 429 -45.41 -16.17 24.90
C ARG A 429 -46.18 -16.46 26.18
N GLU A 430 -46.54 -15.44 26.95
CA GLU A 430 -47.26 -15.56 28.24
C GLU A 430 -48.69 -15.01 28.14
N TRP A 431 -48.88 -13.93 27.38
CA TRP A 431 -50.13 -13.14 27.30
C TRP A 431 -51.34 -14.04 27.02
N VAL A 432 -52.29 -14.11 27.95
CA VAL A 432 -53.61 -14.76 27.72
C VAL A 432 -54.49 -13.73 27.00
N ALA A 433 -54.53 -13.81 25.66
CA ALA A 433 -55.27 -12.88 24.78
C ALA A 433 -56.76 -13.07 25.01
N PRO A 434 -57.57 -11.99 25.07
CA PRO A 434 -59.01 -12.14 25.31
C PRO A 434 -59.72 -12.79 24.11
N GLU A 435 -59.27 -12.50 22.88
CA GLU A 435 -59.82 -13.02 21.60
C GLU A 435 -58.66 -13.39 20.66
N LYS A 436 -58.93 -14.09 19.57
CA LYS A 436 -57.90 -14.53 18.58
C LYS A 436 -57.70 -13.43 17.54
N ALA A 437 -56.55 -13.44 16.86
CA ALA A 437 -56.15 -12.41 15.87
C ALA A 437 -56.43 -12.91 14.45
N ASP A 438 -56.86 -12.01 13.56
CA ASP A 438 -56.91 -12.22 12.09
C ASP A 438 -55.50 -12.07 11.52
N ILE A 439 -54.76 -11.09 12.03
CA ILE A 439 -53.39 -10.75 11.58
C ILE A 439 -52.52 -10.41 12.79
N ILE A 440 -51.37 -11.09 12.89
CA ILE A 440 -50.23 -10.69 13.78
C ILE A 440 -49.19 -10.01 12.88
N VAL A 441 -48.68 -8.87 13.33
CA VAL A 441 -47.67 -8.04 12.61
C VAL A 441 -46.45 -7.92 13.52
N SER A 442 -45.25 -8.20 13.03
CA SER A 442 -44.01 -8.17 13.85
C SER A 442 -42.80 -7.74 13.01
N GLU A 443 -41.72 -7.35 13.71
CA GLU A 443 -40.49 -6.67 13.20
C GLU A 443 -39.33 -7.15 14.08
N LEU A 444 -39.32 -8.45 14.39
CA LEU A 444 -38.44 -9.09 15.40
C LEU A 444 -37.19 -9.64 14.71
N LEU A 445 -36.86 -9.13 13.53
CA LEU A 445 -35.82 -9.72 12.64
C LEU A 445 -34.49 -9.03 12.92
N GLY A 446 -33.46 -9.81 13.19
CA GLY A 446 -32.06 -9.34 13.16
C GLY A 446 -31.45 -9.36 11.75
N SER A 447 -30.16 -9.04 11.66
CA SER A 447 -29.35 -8.99 10.42
C SER A 447 -29.21 -10.37 9.80
N PHE A 448 -29.30 -11.44 10.60
CA PHE A 448 -29.28 -12.86 10.14
C PHE A 448 -30.70 -13.48 10.26
N ALA A 449 -31.72 -12.64 10.09
CA ALA A 449 -33.16 -12.98 10.14
C ALA A 449 -33.58 -13.46 11.55
N ASP A 450 -33.28 -14.71 11.87
CA ASP A 450 -33.75 -15.38 13.11
C ASP A 450 -32.85 -15.12 14.34
N ASN A 451 -31.84 -14.23 14.28
CA ASN A 451 -30.83 -14.07 15.38
C ASN A 451 -31.36 -13.25 16.58
N GLU A 452 -32.59 -12.74 16.56
CA GLU A 452 -33.27 -12.14 17.74
C GLU A 452 -34.35 -13.10 18.25
N LEU A 453 -34.46 -14.29 17.66
CA LEU A 453 -35.40 -15.37 18.09
C LEU A 453 -36.86 -15.01 17.76
N SER A 454 -37.12 -14.41 16.59
CA SER A 454 -38.48 -14.32 15.98
C SER A 454 -39.16 -15.69 15.92
N PRO A 455 -38.51 -16.80 15.50
CA PRO A 455 -39.19 -18.09 15.45
C PRO A 455 -39.85 -18.45 16.80
N GLU A 456 -39.07 -18.42 17.88
CA GLU A 456 -39.48 -18.87 19.24
C GLU A 456 -40.59 -17.98 19.76
N CYS A 457 -40.50 -16.67 19.49
CA CYS A 457 -41.45 -15.64 19.95
C CYS A 457 -42.78 -15.86 19.26
N LEU A 458 -42.81 -15.88 17.92
CA LEU A 458 -44.07 -16.06 17.16
C LEU A 458 -44.65 -17.46 17.38
N ASP A 459 -43.83 -18.48 17.66
CA ASP A 459 -44.31 -19.85 18.02
C ASP A 459 -45.17 -19.78 19.30
N GLY A 460 -44.73 -19.02 20.31
CA GLY A 460 -45.42 -18.93 21.61
C GLY A 460 -46.67 -18.06 21.56
N ALA A 461 -46.85 -17.31 20.47
CA ALA A 461 -48.00 -16.40 20.21
C ALA A 461 -49.00 -17.06 19.27
N GLN A 462 -48.63 -18.19 18.65
CA GLN A 462 -49.40 -18.86 17.58
C GLN A 462 -50.80 -19.23 18.09
N HIS A 463 -50.90 -19.79 19.29
CA HIS A 463 -52.18 -20.29 19.88
C HIS A 463 -53.29 -19.24 19.86
N PHE A 464 -52.98 -17.93 19.83
CA PHE A 464 -54.02 -16.87 19.76
C PHE A 464 -54.10 -16.21 18.37
N LEU A 465 -53.58 -16.89 17.33
CA LEU A 465 -53.90 -16.59 15.90
C LEU A 465 -55.08 -17.49 15.49
N LYS A 466 -56.07 -16.92 14.81
CA LYS A 466 -57.22 -17.69 14.25
C LYS A 466 -56.71 -18.77 13.30
N ASP A 467 -57.43 -19.89 13.22
CA ASP A 467 -57.08 -21.10 12.42
C ASP A 467 -56.67 -20.69 10.99
N ASP A 468 -57.18 -19.55 10.48
CA ASP A 468 -56.94 -19.05 9.09
C ASP A 468 -56.20 -17.70 9.13
N GLY A 469 -55.53 -17.38 10.23
CA GLY A 469 -54.84 -16.09 10.40
C GLY A 469 -53.56 -15.99 9.58
N VAL A 470 -53.04 -14.77 9.45
CA VAL A 470 -51.82 -14.40 8.68
C VAL A 470 -50.79 -13.80 9.64
N SER A 471 -49.54 -14.30 9.62
CA SER A 471 -48.33 -13.59 10.14
C SER A 471 -47.74 -12.72 9.03
N ILE A 472 -47.60 -11.41 9.31
CA ILE A 472 -46.74 -10.46 8.56
C ILE A 472 -45.55 -10.14 9.47
N PRO A 473 -44.34 -10.67 9.21
CA PRO A 473 -44.03 -11.43 8.00
C PRO A 473 -44.44 -12.90 8.03
N GLY A 474 -44.65 -13.49 6.83
CA GLY A 474 -45.03 -14.91 6.65
C GLY A 474 -43.81 -15.81 6.54
N GLU A 475 -42.69 -15.26 6.07
CA GLU A 475 -41.48 -16.06 5.73
C GLU A 475 -40.23 -15.18 5.85
N TYR A 476 -39.13 -15.78 6.33
CA TYR A 476 -37.77 -15.18 6.24
C TYR A 476 -36.69 -16.28 6.09
N THR A 477 -35.61 -15.86 5.41
CA THR A 477 -34.46 -16.69 4.98
C THR A 477 -33.16 -15.90 5.24
N SER A 478 -32.23 -16.50 5.97
CA SER A 478 -30.84 -15.98 6.11
C SER A 478 -30.01 -16.40 4.88
N PHE A 479 -28.96 -15.62 4.59
CA PHE A 479 -27.97 -15.87 3.51
C PHE A 479 -26.55 -15.72 4.07
N LEU A 480 -25.59 -16.50 3.56
CA LEU A 480 -24.15 -16.39 3.94
C LEU A 480 -23.33 -16.18 2.68
N ALA A 481 -22.18 -15.53 2.78
CA ALA A 481 -21.14 -15.46 1.71
C ALA A 481 -19.76 -15.41 2.35
N PRO A 482 -18.79 -16.22 1.86
CA PRO A 482 -17.41 -16.12 2.35
C PRO A 482 -16.80 -14.77 1.94
N ILE A 483 -15.98 -14.18 2.80
CA ILE A 483 -15.29 -12.89 2.52
C ILE A 483 -13.84 -12.99 2.96
N SER A 484 -13.04 -12.13 2.34
CA SER A 484 -11.63 -11.84 2.62
C SER A 484 -11.57 -10.41 3.14
N SER A 485 -11.01 -10.21 4.33
CA SER A 485 -10.63 -8.87 4.83
C SER A 485 -9.62 -9.04 5.94
N SER A 486 -8.35 -8.88 5.59
CA SER A 486 -7.22 -8.81 6.56
C SER A 486 -7.46 -7.64 7.51
N LYS A 487 -8.21 -6.62 7.09
CA LYS A 487 -8.58 -5.42 7.91
C LYS A 487 -9.59 -5.80 9.01
N LEU A 488 -10.71 -6.46 8.67
CA LEU A 488 -11.72 -6.91 9.67
C LEU A 488 -11.16 -8.05 10.53
N TYR A 489 -10.34 -8.96 9.99
CA TYR A 489 -9.70 -10.00 10.82
C TYR A 489 -8.94 -9.35 11.99
N ASN A 490 -8.23 -8.24 11.74
CA ASN A 490 -7.43 -7.50 12.74
C ASN A 490 -8.35 -6.79 13.73
N GLU A 491 -9.44 -6.20 13.25
CA GLU A 491 -10.46 -5.52 14.09
C GLU A 491 -11.08 -6.52 15.08
N VAL A 492 -11.38 -7.74 14.64
CA VAL A 492 -11.89 -8.82 15.52
C VAL A 492 -10.80 -9.20 16.51
N ARG A 493 -9.58 -9.48 16.02
CA ARG A 493 -8.42 -9.89 16.85
C ARG A 493 -8.22 -8.94 18.02
N ALA A 494 -8.47 -7.64 17.82
CA ALA A 494 -8.21 -6.55 18.79
C ALA A 494 -9.37 -6.41 19.77
N CYS A 495 -10.29 -7.38 19.81
CA CYS A 495 -11.45 -7.42 20.75
C CYS A 495 -11.17 -8.45 21.84
N ARG A 496 -9.90 -8.74 22.11
CA ARG A 496 -9.54 -9.54 23.31
C ARG A 496 -9.83 -8.71 24.56
N GLU A 497 -10.41 -9.35 25.58
CA GLU A 497 -10.72 -8.76 26.89
C GLU A 497 -10.21 -9.68 28.00
N LYS A 498 -9.71 -9.11 29.08
CA LYS A 498 -9.28 -9.87 30.29
C LYS A 498 -10.48 -10.66 30.82
N ASP A 499 -10.20 -11.71 31.60
CA ASP A 499 -11.21 -12.49 32.36
C ASP A 499 -12.18 -13.20 31.41
N ARG A 500 -11.73 -13.54 30.20
CA ARG A 500 -12.45 -14.48 29.30
C ARG A 500 -11.47 -15.14 28.34
N ASP A 501 -11.87 -16.27 27.75
CA ASP A 501 -11.12 -16.99 26.68
C ASP A 501 -10.39 -15.94 25.82
N PRO A 502 -9.06 -16.10 25.62
CA PRO A 502 -8.32 -15.24 24.71
C PRO A 502 -8.81 -15.23 23.25
N GLU A 503 -9.56 -16.26 22.85
CA GLU A 503 -10.01 -16.45 21.44
C GLU A 503 -11.53 -16.32 21.34
N ALA A 504 -12.20 -15.87 22.40
CA ALA A 504 -13.68 -15.77 22.47
C ALA A 504 -14.21 -14.79 21.42
N GLN A 505 -13.45 -13.74 21.08
CA GLN A 505 -13.88 -12.69 20.11
C GLN A 505 -14.09 -13.28 18.71
N PHE A 506 -13.54 -14.45 18.40
CA PHE A 506 -13.65 -15.08 17.05
C PHE A 506 -14.89 -15.99 16.99
N GLU A 507 -15.51 -16.26 18.14
CA GLU A 507 -16.59 -17.27 18.27
C GLU A 507 -17.91 -16.55 18.55
N MET A 508 -18.10 -15.38 17.97
CA MET A 508 -19.33 -14.58 18.15
C MET A 508 -19.52 -13.67 16.94
N PRO A 509 -20.78 -13.42 16.52
CA PRO A 509 -21.07 -12.54 15.39
C PRO A 509 -21.00 -11.06 15.75
N TYR A 510 -20.76 -10.20 14.76
CA TYR A 510 -20.75 -8.73 14.89
C TYR A 510 -21.68 -8.13 13.82
N VAL A 511 -22.45 -7.09 14.15
CA VAL A 511 -23.17 -6.27 13.12
C VAL A 511 -22.25 -5.14 12.67
N VAL A 512 -21.98 -5.05 11.37
CA VAL A 512 -20.96 -4.14 10.77
C VAL A 512 -21.36 -3.78 9.34
N ARG A 513 -21.23 -2.50 8.98
CA ARG A 513 -21.29 -2.01 7.57
C ARG A 513 -19.97 -2.41 6.91
N LEU A 514 -19.81 -3.69 6.55
CA LEU A 514 -18.61 -4.24 5.85
C LEU A 514 -18.23 -3.28 4.72
N HIS A 515 -16.97 -2.83 4.64
CA HIS A 515 -16.51 -1.85 3.63
C HIS A 515 -15.22 -2.32 2.95
N ASN A 516 -14.14 -2.48 3.71
CA ASN A 516 -12.84 -2.94 3.15
C ASN A 516 -12.83 -4.48 3.18
N PHE A 517 -13.41 -5.10 2.15
CA PHE A 517 -13.51 -6.58 2.06
C PHE A 517 -13.72 -7.03 0.61
N HIS A 518 -13.57 -8.33 0.39
CA HIS A 518 -13.80 -9.00 -0.91
C HIS A 518 -14.83 -10.12 -0.69
N GLN A 519 -15.98 -10.05 -1.36
CA GLN A 519 -16.95 -11.18 -1.46
C GLN A 519 -16.42 -12.24 -2.42
N LEU A 520 -16.23 -13.48 -1.94
CA LEU A 520 -15.46 -14.54 -2.66
C LEU A 520 -16.42 -15.46 -3.42
N SER A 521 -17.73 -15.33 -3.22
CA SER A 521 -18.75 -16.20 -3.88
C SER A 521 -20.14 -15.60 -3.66
N ALA A 522 -21.11 -15.94 -4.49
CA ALA A 522 -22.48 -15.38 -4.43
C ALA A 522 -23.16 -15.87 -3.14
N PRO A 523 -23.87 -15.01 -2.38
CA PRO A 523 -24.57 -15.46 -1.19
C PRO A 523 -25.51 -16.64 -1.52
N GLN A 524 -25.71 -17.52 -0.55
CA GLN A 524 -26.57 -18.73 -0.65
C GLN A 524 -27.45 -18.79 0.60
N PRO A 525 -28.69 -19.31 0.48
CA PRO A 525 -29.61 -19.35 1.62
C PRO A 525 -29.10 -20.31 2.70
N CYS A 526 -29.25 -19.93 3.98
CA CYS A 526 -28.79 -20.73 5.15
C CYS A 526 -30.02 -21.31 5.85
N PHE A 527 -30.82 -20.48 6.54
CA PHE A 527 -31.99 -20.92 7.35
C PHE A 527 -33.29 -20.16 6.98
N THR A 528 -34.39 -20.93 6.91
CA THR A 528 -35.75 -20.44 6.54
C THR A 528 -36.74 -20.77 7.64
N PHE A 529 -37.65 -19.85 7.93
CA PHE A 529 -38.76 -20.00 8.92
C PHE A 529 -40.02 -19.44 8.26
N SER A 530 -41.12 -20.19 8.47
CA SER A 530 -42.50 -19.88 8.00
C SER A 530 -43.41 -19.63 9.20
N HIS A 531 -44.26 -18.61 9.12
CA HIS A 531 -45.27 -18.27 10.17
C HIS A 531 -46.62 -18.03 9.50
N PRO A 532 -47.73 -18.62 9.99
CA PRO A 532 -47.70 -19.61 11.06
C PRO A 532 -47.05 -20.94 10.68
N ASN A 533 -46.57 -21.67 11.70
CA ASN A 533 -45.88 -22.98 11.57
C ASN A 533 -46.83 -24.06 12.11
N ARG A 534 -47.59 -24.69 11.21
CA ARG A 534 -48.74 -25.59 11.53
C ARG A 534 -48.24 -26.96 12.00
N ASP A 535 -46.97 -27.27 11.69
CA ASP A 535 -46.22 -28.54 11.96
C ASP A 535 -46.55 -29.11 13.35
N PRO A 536 -46.93 -30.41 13.47
CA PRO A 536 -47.17 -31.02 14.78
C PRO A 536 -45.87 -31.07 15.61
N MET A 537 -44.75 -31.32 14.93
CA MET A 537 -43.37 -31.43 15.50
C MET A 537 -42.58 -30.15 15.17
N ILE A 538 -42.64 -29.13 16.05
CA ILE A 538 -41.89 -27.86 15.86
C ILE A 538 -40.47 -28.02 16.42
N ASP A 539 -39.45 -28.00 15.55
CA ASP A 539 -38.03 -27.93 15.96
C ASP A 539 -37.36 -26.78 15.21
N ASN A 540 -36.93 -25.74 15.94
CA ASN A 540 -36.30 -24.52 15.36
C ASN A 540 -34.78 -24.68 15.22
N ASN A 541 -34.20 -25.79 15.69
CA ASN A 541 -32.78 -26.14 15.43
C ASN A 541 -32.58 -26.44 13.93
N ARG A 542 -31.34 -26.28 13.46
CA ARG A 542 -31.00 -26.41 12.02
C ARG A 542 -29.52 -26.78 11.85
N TYR A 543 -29.26 -27.56 10.80
CA TYR A 543 -27.94 -27.94 10.25
C TYR A 543 -27.99 -27.74 8.74
N CYS A 544 -27.14 -26.85 8.22
CA CYS A 544 -26.99 -26.50 6.79
C CYS A 544 -25.53 -26.67 6.38
N THR A 545 -25.28 -27.28 5.21
CA THR A 545 -23.95 -27.33 4.52
C THR A 545 -24.02 -26.48 3.23
N LEU A 546 -23.08 -25.57 3.05
CA LEU A 546 -23.01 -24.69 1.85
C LEU A 546 -21.65 -24.90 1.16
N GLU A 547 -21.69 -25.03 -0.18
CA GLU A 547 -20.49 -25.13 -1.07
C GLU A 547 -20.40 -23.88 -1.93
N PHE A 548 -19.35 -23.09 -1.71
CA PHE A 548 -19.06 -21.78 -2.37
C PHE A 548 -17.95 -21.94 -3.40
N PRO A 549 -18.25 -21.98 -4.72
CA PRO A 549 -17.21 -21.96 -5.75
C PRO A 549 -16.42 -20.66 -5.68
N VAL A 550 -15.09 -20.74 -5.55
CA VAL A 550 -14.19 -19.55 -5.56
C VAL A 550 -13.30 -19.60 -6.81
N GLU A 551 -13.30 -18.50 -7.56
N GLU A 551 -13.27 -18.49 -7.56
CA GLU A 551 -12.60 -18.36 -8.87
CA GLU A 551 -12.58 -18.39 -8.88
C GLU A 551 -11.51 -17.28 -8.74
C GLU A 551 -11.31 -17.52 -8.77
N VAL A 552 -10.91 -17.12 -7.56
CA VAL A 552 -9.69 -16.28 -7.35
C VAL A 552 -8.77 -16.95 -6.33
N ASN A 553 -7.49 -16.54 -6.30
CA ASN A 553 -6.57 -16.77 -5.14
C ASN A 553 -6.95 -15.75 -4.08
N THR A 554 -7.00 -16.13 -2.80
CA THR A 554 -7.51 -15.24 -1.72
C THR A 554 -7.17 -15.82 -0.36
N VAL A 555 -7.65 -15.13 0.69
CA VAL A 555 -7.63 -15.62 2.10
C VAL A 555 -9.01 -15.41 2.75
N LEU A 556 -9.52 -16.45 3.39
CA LEU A 556 -10.86 -16.46 4.03
C LEU A 556 -10.71 -16.00 5.48
N HIS A 557 -11.42 -14.94 5.85
CA HIS A 557 -11.40 -14.38 7.21
C HIS A 557 -12.76 -14.51 7.92
N GLY A 558 -13.81 -14.99 7.26
CA GLY A 558 -15.17 -15.15 7.86
C GLY A 558 -16.28 -15.18 6.81
N PHE A 559 -17.54 -15.11 7.27
CA PHE A 559 -18.77 -15.16 6.43
C PHE A 559 -19.63 -13.93 6.74
N ALA A 560 -20.00 -13.17 5.71
CA ALA A 560 -21.04 -12.11 5.76
C ALA A 560 -22.41 -12.80 5.77
N GLY A 561 -23.31 -12.33 6.64
CA GLY A 561 -24.70 -12.80 6.74
C GLY A 561 -25.67 -11.69 6.39
N TYR A 562 -26.70 -12.02 5.63
CA TYR A 562 -27.79 -11.10 5.24
C TYR A 562 -29.12 -11.87 5.44
N PHE A 563 -30.23 -11.21 5.15
CA PHE A 563 -31.57 -11.84 5.15
C PHE A 563 -32.48 -11.22 4.09
N GLU A 564 -33.48 -12.00 3.70
CA GLU A 564 -34.69 -11.56 2.95
C GLU A 564 -35.92 -11.99 3.75
N THR A 565 -37.03 -11.25 3.63
CA THR A 565 -38.31 -11.61 4.28
C THR A 565 -39.47 -11.22 3.35
N VAL A 566 -40.46 -12.13 3.31
CA VAL A 566 -41.79 -11.91 2.71
C VAL A 566 -42.71 -11.40 3.80
N LEU A 567 -43.17 -10.14 3.68
CA LEU A 567 -44.17 -9.53 4.59
C LEU A 567 -45.54 -10.09 4.20
N TYR A 568 -45.85 -10.02 2.92
CA TYR A 568 -47.12 -10.55 2.33
C TYR A 568 -46.97 -10.62 0.81
N GLN A 569 -47.19 -11.82 0.26
CA GLN A 569 -47.20 -12.08 -1.19
C GLN A 569 -45.93 -11.49 -1.84
N ASP A 570 -46.07 -10.43 -2.65
CA ASP A 570 -44.95 -9.86 -3.44
C ASP A 570 -44.24 -8.75 -2.65
N ILE A 571 -44.80 -8.30 -1.52
CA ILE A 571 -44.13 -7.22 -0.71
C ILE A 571 -43.07 -7.88 0.18
N THR A 572 -41.86 -7.35 0.13
CA THR A 572 -40.66 -7.98 0.73
C THR A 572 -39.76 -6.91 1.35
N LEU A 573 -38.88 -7.33 2.26
CA LEU A 573 -37.66 -6.58 2.66
C LEU A 573 -36.44 -7.48 2.38
N SER A 574 -35.30 -6.88 2.05
CA SER A 574 -34.02 -7.60 1.79
C SER A 574 -32.81 -6.71 2.12
N ILE A 575 -31.79 -7.28 2.79
CA ILE A 575 -30.43 -6.64 2.83
C ILE A 575 -29.39 -7.51 2.14
N ARG A 576 -29.80 -8.57 1.44
CA ARG A 576 -28.93 -9.33 0.50
C ARG A 576 -28.55 -8.40 -0.65
N PRO A 577 -27.24 -8.13 -0.88
CA PRO A 577 -26.84 -7.04 -1.78
C PRO A 577 -27.54 -7.04 -3.15
N GLU A 578 -27.75 -8.21 -3.78
CA GLU A 578 -28.31 -8.32 -5.16
C GLU A 578 -29.80 -7.90 -5.19
N THR A 579 -30.53 -8.01 -4.07
CA THR A 579 -32.00 -7.80 -4.00
C THR A 579 -32.33 -6.76 -2.93
N HIS A 580 -31.33 -5.99 -2.48
CA HIS A 580 -31.43 -5.04 -1.34
C HIS A 580 -32.56 -4.05 -1.59
N SER A 581 -33.52 -3.93 -0.67
CA SER A 581 -34.62 -2.93 -0.72
C SER A 581 -33.98 -1.57 -0.91
N PRO A 582 -34.29 -0.80 -1.98
CA PRO A 582 -33.64 0.50 -2.16
C PRO A 582 -34.01 1.51 -1.07
N GLY A 583 -32.98 2.10 -0.45
CA GLY A 583 -33.08 3.25 0.45
C GLY A 583 -33.47 2.87 1.87
N MET A 584 -33.19 1.64 2.29
CA MET A 584 -33.59 1.09 3.62
C MET A 584 -32.35 0.88 4.49
N PHE A 585 -32.29 1.51 5.67
CA PHE A 585 -31.05 1.59 6.49
C PHE A 585 -31.27 1.06 7.92
N SER A 586 -32.35 0.33 8.20
CA SER A 586 -32.62 -0.24 9.54
C SER A 586 -31.62 -1.34 9.91
N TRP A 587 -31.08 -2.09 8.93
CA TRP A 587 -30.18 -3.26 9.17
C TRP A 587 -28.87 -3.17 8.39
N PHE A 588 -27.76 -3.50 9.05
CA PHE A 588 -26.44 -3.77 8.44
C PHE A 588 -26.20 -5.28 8.42
N PRO A 589 -25.29 -5.75 7.54
CA PRO A 589 -24.89 -7.16 7.54
C PRO A 589 -24.25 -7.58 8.88
N ILE A 590 -24.21 -8.89 9.13
CA ILE A 590 -23.55 -9.52 10.29
C ILE A 590 -22.29 -10.21 9.77
N LEU A 591 -21.29 -10.43 10.65
CA LEU A 591 -19.99 -11.10 10.31
C LEU A 591 -19.77 -12.23 11.30
N PHE A 592 -19.63 -13.46 10.80
CA PHE A 592 -19.12 -14.65 11.52
C PHE A 592 -17.63 -14.76 11.18
N PRO A 593 -16.71 -14.42 12.11
CA PRO A 593 -15.30 -14.58 11.84
C PRO A 593 -14.93 -16.07 12.01
N ILE A 594 -13.70 -16.44 11.64
CA ILE A 594 -13.04 -17.73 12.00
C ILE A 594 -11.68 -17.41 12.65
N LYS A 595 -11.21 -18.26 13.55
CA LYS A 595 -10.00 -18.04 14.40
C LYS A 595 -8.73 -17.90 13.56
N GLN A 596 -8.49 -18.80 12.59
CA GLN A 596 -7.29 -18.84 11.73
C GLN A 596 -7.68 -18.61 10.27
N PRO A 597 -7.11 -17.61 9.58
CA PRO A 597 -7.35 -17.41 8.15
C PRO A 597 -7.05 -18.70 7.38
N ILE A 598 -7.61 -18.85 6.18
CA ILE A 598 -7.50 -20.08 5.36
C ILE A 598 -7.14 -19.66 3.93
N THR A 599 -6.01 -20.17 3.41
CA THR A 599 -5.60 -20.03 1.99
C THR A 599 -6.67 -20.71 1.11
N VAL A 600 -7.15 -19.99 0.09
CA VAL A 600 -8.01 -20.55 -0.99
C VAL A 600 -7.38 -20.24 -2.34
N ARG A 601 -7.08 -21.29 -3.12
CA ARG A 601 -6.57 -21.17 -4.51
C ARG A 601 -7.74 -21.07 -5.51
N GLU A 602 -7.52 -20.32 -6.58
CA GLU A 602 -8.39 -20.29 -7.78
C GLU A 602 -8.86 -21.72 -8.09
N GLY A 603 -10.16 -21.90 -8.32
CA GLY A 603 -10.77 -23.21 -8.67
C GLY A 603 -11.35 -23.96 -7.49
N GLN A 604 -10.96 -23.64 -6.25
CA GLN A 604 -11.29 -24.48 -5.06
C GLN A 604 -12.68 -24.11 -4.55
N THR A 605 -13.30 -25.03 -3.79
CA THR A 605 -14.63 -24.87 -3.14
C THR A 605 -14.40 -24.53 -1.65
N ILE A 606 -14.96 -23.44 -1.14
CA ILE A 606 -15.10 -23.23 0.34
C ILE A 606 -16.37 -23.97 0.76
N CYS A 607 -16.26 -24.92 1.68
CA CYS A 607 -17.40 -25.64 2.31
C CYS A 607 -17.53 -25.19 3.77
N VAL A 608 -18.66 -24.56 4.11
CA VAL A 608 -18.95 -24.14 5.52
C VAL A 608 -20.20 -24.88 6.01
N ARG A 609 -20.24 -25.10 7.31
CA ARG A 609 -21.33 -25.82 8.01
C ARG A 609 -21.80 -24.90 9.12
N PHE A 610 -23.10 -24.67 9.22
CA PHE A 610 -23.74 -23.84 10.27
C PHE A 610 -24.83 -24.66 10.96
N TRP A 611 -24.87 -24.58 12.29
CA TRP A 611 -25.94 -25.15 13.13
C TRP A 611 -26.64 -24.02 13.88
N ARG A 612 -27.98 -24.08 13.99
CA ARG A 612 -28.76 -23.30 14.99
C ARG A 612 -29.10 -24.28 16.12
N CYS A 613 -28.66 -23.95 17.34
CA CYS A 613 -28.73 -24.82 18.54
C CYS A 613 -29.59 -24.17 19.63
N SER A 614 -30.12 -24.97 20.55
CA SER A 614 -31.02 -24.46 21.60
C SER A 614 -31.12 -25.40 22.81
N ASN A 615 -31.55 -24.83 23.93
CA ASN A 615 -32.08 -25.49 25.14
C ASN A 615 -33.26 -24.63 25.62
N SER A 616 -33.78 -24.85 26.83
CA SER A 616 -34.89 -24.09 27.47
C SER A 616 -34.58 -22.59 27.52
N LYS A 617 -33.29 -22.26 27.69
CA LYS A 617 -32.79 -20.96 28.22
C LYS A 617 -32.09 -20.12 27.14
N LYS A 618 -31.38 -20.77 26.21
CA LYS A 618 -30.46 -20.12 25.23
C LYS A 618 -30.66 -20.67 23.81
N VAL A 619 -30.49 -19.81 22.81
CA VAL A 619 -30.30 -20.19 21.38
C VAL A 619 -28.90 -19.71 20.97
N TRP A 620 -28.19 -20.45 20.11
CA TRP A 620 -26.86 -20.05 19.61
C TRP A 620 -26.57 -20.63 18.23
N TYR A 621 -25.53 -20.10 17.58
CA TYR A 621 -24.95 -20.63 16.32
C TYR A 621 -23.62 -21.31 16.65
N GLU A 622 -23.38 -22.43 15.99
CA GLU A 622 -22.04 -23.07 15.88
C GLU A 622 -21.72 -23.09 14.38
N TRP A 623 -20.45 -23.03 13.99
CA TRP A 623 -20.03 -23.08 12.57
C TRP A 623 -18.65 -23.69 12.41
N ALA A 624 -18.33 -24.13 11.19
CA ALA A 624 -17.07 -24.82 10.84
C ALA A 624 -16.88 -24.73 9.33
N VAL A 625 -15.62 -24.52 8.91
CA VAL A 625 -15.16 -24.69 7.51
C VAL A 625 -14.62 -26.12 7.39
N THR A 626 -15.08 -26.87 6.39
CA THR A 626 -14.67 -28.28 6.17
C THR A 626 -13.88 -28.44 4.85
N ALA A 627 -13.72 -27.39 4.05
CA ALA A 627 -12.93 -27.41 2.79
C ALA A 627 -12.59 -25.98 2.35
N PRO A 628 -11.41 -25.74 1.73
CA PRO A 628 -10.47 -26.80 1.33
C PRO A 628 -9.61 -27.41 2.44
N VAL A 629 -9.70 -26.84 3.66
CA VAL A 629 -9.11 -27.36 4.93
C VAL A 629 -10.18 -27.23 6.03
N CYS A 630 -10.08 -28.01 7.11
CA CYS A 630 -11.00 -27.96 8.27
C CYS A 630 -10.54 -26.88 9.25
N SER A 631 -11.49 -26.07 9.73
CA SER A 631 -11.35 -25.24 10.95
C SER A 631 -11.84 -26.05 12.16
N ALA A 632 -11.49 -25.59 13.36
CA ALA A 632 -12.19 -25.93 14.61
C ALA A 632 -13.67 -25.59 14.48
N ILE A 633 -14.55 -26.35 15.13
CA ILE A 633 -15.96 -25.95 15.36
C ILE A 633 -15.95 -24.71 16.26
N HIS A 634 -16.52 -23.61 15.78
CA HIS A 634 -16.57 -22.31 16.47
C HIS A 634 -17.83 -22.27 17.34
N ASN A 635 -17.69 -21.79 18.58
CA ASN A 635 -18.76 -21.53 19.59
C ASN A 635 -19.45 -22.82 20.00
N PRO A 636 -18.71 -23.91 20.28
CA PRO A 636 -19.35 -25.14 20.74
C PRO A 636 -20.11 -24.90 22.04
N THR A 637 -21.36 -25.38 22.10
CA THR A 637 -22.22 -25.37 23.33
C THR A 637 -22.56 -23.92 23.73
N GLY A 638 -22.35 -22.93 22.87
CA GLY A 638 -22.57 -21.50 23.18
C GLY A 638 -21.56 -20.94 24.17
N ARG A 639 -20.37 -21.53 24.33
CA ARG A 639 -19.38 -21.15 25.39
C ARG A 639 -18.99 -19.66 25.28
N SER A 640 -19.00 -19.07 24.08
CA SER A 640 -18.56 -17.69 23.82
C SER A 640 -19.74 -16.78 23.47
N TYR A 641 -20.85 -17.34 22.98
CA TYR A 641 -21.99 -16.51 22.50
C TYR A 641 -23.30 -17.31 22.54
N THR A 642 -24.31 -16.72 23.20
CA THR A 642 -25.68 -17.23 23.36
C THR A 642 -26.65 -16.05 23.24
N ILE A 643 -27.87 -16.35 22.82
CA ILE A 643 -28.99 -15.38 22.65
C ILE A 643 -30.05 -15.82 23.67
N GLY A 644 -30.48 -14.95 24.58
CA GLY A 644 -31.32 -15.37 25.71
C GLY A 644 -32.78 -15.50 25.31
N LEU A 645 -33.50 -16.49 25.86
CA LEU A 645 -34.94 -16.76 25.59
C LEU A 645 -35.84 -16.12 26.65
N CYS B 34 27.19 27.02 4.02
CA CYS B 34 26.72 25.93 3.09
C CYS B 34 27.91 25.32 2.35
N MET B 35 28.84 24.67 3.07
CA MET B 35 30.06 24.05 2.49
C MET B 35 29.89 22.52 2.41
N GLU B 36 30.65 21.89 1.50
CA GLU B 36 30.56 20.47 1.05
C GLU B 36 31.90 19.77 1.29
N ARG B 37 31.93 18.84 2.25
CA ARG B 37 33.16 18.15 2.74
C ARG B 37 33.24 16.72 2.21
N GLN B 38 32.16 16.19 1.62
CA GLN B 38 32.15 14.82 1.07
C GLN B 38 32.58 14.88 -0.39
N LEU B 39 33.85 14.54 -0.66
CA LEU B 39 34.45 14.56 -2.03
C LEU B 39 33.98 13.35 -2.84
N GLU B 40 33.32 13.60 -3.97
CA GLU B 40 32.64 12.55 -4.78
C GLU B 40 33.48 12.15 -6.02
N ALA B 41 34.07 13.12 -6.71
CA ALA B 41 34.70 12.94 -8.04
C ALA B 41 36.02 13.72 -8.13
N ALA B 42 37.03 13.14 -8.80
CA ALA B 42 38.30 13.81 -9.20
C ALA B 42 38.69 13.37 -10.63
N ARG B 43 38.79 14.33 -11.57
CA ARG B 43 39.10 14.06 -13.00
C ARG B 43 40.16 15.04 -13.55
N TYR B 44 41.38 14.57 -13.83
CA TYR B 44 42.43 15.38 -14.53
C TYR B 44 42.02 15.64 -15.99
N ARG B 45 42.07 16.91 -16.39
CA ARG B 45 41.95 17.39 -17.81
C ARG B 45 43.25 17.06 -18.57
N SER B 46 43.24 17.12 -19.90
CA SER B 46 44.40 16.80 -20.77
C SER B 46 45.63 17.63 -20.34
N ASP B 47 45.43 18.89 -19.95
CA ASP B 47 46.51 19.85 -19.58
C ASP B 47 46.87 19.77 -18.08
N GLY B 48 46.34 18.80 -17.33
CA GLY B 48 46.79 18.48 -15.95
C GLY B 48 46.00 19.18 -14.83
N ALA B 49 45.07 20.08 -15.19
CA ALA B 49 44.15 20.76 -14.24
C ALA B 49 43.26 19.70 -13.56
N LEU B 50 42.78 19.97 -12.34
CA LEU B 50 42.00 18.98 -11.52
C LEU B 50 40.57 19.48 -11.28
N LEU B 51 39.60 18.68 -11.71
CA LEU B 51 38.15 18.89 -11.46
C LEU B 51 37.74 18.11 -10.19
N LEU B 52 37.09 18.80 -9.25
CA LEU B 52 36.46 18.21 -8.03
C LEU B 52 34.94 18.41 -8.06
N GLY B 53 34.19 17.34 -7.79
CA GLY B 53 32.78 17.40 -7.37
C GLY B 53 32.66 17.05 -5.90
N ALA B 54 31.79 17.76 -5.16
CA ALA B 54 31.59 17.58 -3.70
C ALA B 54 30.10 17.65 -3.36
N SER B 55 29.68 16.85 -2.38
CA SER B 55 28.32 16.89 -1.79
C SER B 55 28.46 17.26 -0.30
N SER B 56 27.45 17.95 0.25
CA SER B 56 27.06 17.88 1.68
C SER B 56 26.07 16.72 1.85
N LEU B 57 26.48 15.65 2.53
CA LEU B 57 25.62 14.47 2.82
C LEU B 57 25.07 14.54 4.25
N SER B 58 25.42 15.60 5.01
CA SER B 58 24.98 15.77 6.42
C SER B 58 25.03 17.26 6.79
N GLY B 59 24.28 17.65 7.83
CA GLY B 59 24.14 19.03 8.31
C GLY B 59 22.87 19.68 7.79
N ARG B 60 22.77 21.00 7.92
CA ARG B 60 21.58 21.81 7.54
C ARG B 60 21.33 21.68 6.02
N CYS B 61 22.30 22.04 5.16
CA CYS B 61 22.13 22.09 3.69
C CYS B 61 22.75 20.84 3.04
N TRP B 62 21.97 20.16 2.20
CA TRP B 62 22.40 18.97 1.41
C TRP B 62 22.58 19.36 -0.04
N ALA B 63 23.60 20.15 -0.34
CA ALA B 63 23.89 20.67 -1.69
C ALA B 63 25.20 20.06 -2.21
N GLY B 64 25.79 20.72 -3.20
CA GLY B 64 26.97 20.25 -3.93
C GLY B 64 27.64 21.41 -4.63
N SER B 65 28.81 21.15 -5.21
CA SER B 65 29.72 22.19 -5.73
C SER B 65 30.73 21.57 -6.71
N LEU B 66 31.11 22.36 -7.72
CA LEU B 66 32.11 22.00 -8.75
C LEU B 66 33.28 22.97 -8.60
N TRP B 67 34.50 22.45 -8.49
CA TRP B 67 35.75 23.24 -8.33
C TRP B 67 36.71 22.85 -9.46
N LEU B 68 37.54 23.81 -9.92
CA LEU B 68 38.69 23.58 -10.83
C LEU B 68 39.99 24.11 -10.18
N PHE B 69 40.99 23.24 -10.10
CA PHE B 69 42.33 23.50 -9.51
C PHE B 69 43.43 23.38 -10.58
N LYS B 70 43.87 24.52 -11.14
CA LYS B 70 44.98 24.59 -12.13
C LYS B 70 46.29 24.18 -11.45
N ASP B 71 46.43 24.44 -10.14
CA ASP B 71 47.44 23.80 -9.25
C ASP B 71 46.80 22.60 -8.54
N PRO B 72 47.17 21.34 -8.89
CA PRO B 72 46.60 20.15 -8.25
C PRO B 72 47.03 19.93 -6.79
N CYS B 73 48.21 20.43 -6.39
CA CYS B 73 48.79 20.27 -5.03
C CYS B 73 48.08 21.20 -4.03
N ALA B 74 47.43 22.27 -4.51
CA ALA B 74 46.73 23.31 -3.73
C ALA B 74 45.38 22.77 -3.20
N ALA B 75 44.81 21.78 -3.88
CA ALA B 75 43.50 21.17 -3.56
C ALA B 75 43.64 20.33 -2.29
N PRO B 76 42.56 20.17 -1.48
CA PRO B 76 41.23 20.70 -1.79
C PRO B 76 40.87 22.10 -1.25
N ASN B 77 41.87 22.88 -0.81
CA ASN B 77 41.75 24.22 -0.18
C ASN B 77 41.08 25.22 -1.14
N GLU B 78 39.91 25.76 -0.75
CA GLU B 78 39.01 26.65 -1.55
C GLU B 78 39.70 27.95 -1.97
N GLY B 79 40.54 28.51 -1.10
CA GLY B 79 41.19 29.83 -1.27
C GLY B 79 42.10 29.88 -2.49
N PHE B 80 42.77 28.77 -2.81
CA PHE B 80 43.70 28.63 -3.96
C PHE B 80 43.07 27.75 -5.05
N CYS B 81 41.82 28.02 -5.42
CA CYS B 81 41.14 27.43 -6.60
C CYS B 81 41.18 28.45 -7.75
N SER B 82 41.11 27.96 -8.99
CA SER B 82 41.02 28.75 -10.24
C SER B 82 39.56 29.13 -10.50
N ALA B 83 38.61 28.28 -10.09
CA ALA B 83 37.15 28.49 -10.29
C ALA B 83 36.34 27.54 -9.40
N GLY B 84 35.14 28.00 -9.00
CA GLY B 84 34.21 27.24 -8.16
C GLY B 84 32.78 27.68 -8.43
N VAL B 85 31.81 26.84 -8.10
CA VAL B 85 30.37 27.20 -8.13
C VAL B 85 29.58 26.29 -7.18
N GLN B 86 28.44 26.80 -6.69
CA GLN B 86 27.43 26.08 -5.89
C GLN B 86 26.41 25.43 -6.83
N THR B 87 25.95 24.22 -6.52
CA THR B 87 24.78 23.57 -7.19
C THR B 87 23.58 23.56 -6.22
N GLU B 88 22.37 23.52 -6.78
CA GLU B 88 21.07 23.42 -6.05
C GLU B 88 21.11 22.19 -5.13
N ALA B 89 21.74 21.10 -5.59
CA ALA B 89 21.68 19.76 -4.96
C ALA B 89 23.03 19.07 -5.07
N GLY B 90 23.15 17.88 -4.46
CA GLY B 90 24.37 17.06 -4.43
C GLY B 90 24.84 16.64 -5.81
N VAL B 91 26.07 16.12 -5.87
CA VAL B 91 26.63 15.55 -7.12
C VAL B 91 27.04 14.11 -6.79
N ALA B 92 26.41 13.15 -7.47
CA ALA B 92 26.62 11.68 -7.27
C ALA B 92 27.72 11.20 -8.21
N ASP B 93 27.83 11.78 -9.39
CA ASP B 93 28.91 11.44 -10.36
C ASP B 93 29.11 12.65 -11.28
N LEU B 94 30.19 12.61 -12.05
CA LEU B 94 30.75 13.77 -12.78
C LEU B 94 31.58 13.24 -13.95
N THR B 95 31.79 14.06 -14.98
CA THR B 95 32.71 13.76 -16.11
C THR B 95 32.99 15.03 -16.91
N TRP B 96 34.21 15.16 -17.41
CA TRP B 96 34.58 16.18 -18.41
C TRP B 96 33.74 15.94 -19.68
N VAL B 97 33.40 16.99 -20.41
CA VAL B 97 32.85 16.95 -21.79
C VAL B 97 33.80 17.79 -22.65
N GLY B 98 34.73 17.13 -23.33
CA GLY B 98 35.86 17.80 -23.99
C GLY B 98 36.73 18.52 -22.97
N GLU B 99 36.93 19.83 -23.15
CA GLU B 99 37.99 20.61 -22.45
C GLU B 99 37.38 21.67 -21.52
N ARG B 100 36.23 22.26 -21.87
CA ARG B 100 35.53 23.30 -21.06
C ARG B 100 34.25 22.76 -20.39
N GLY B 101 33.71 21.62 -20.83
CA GLY B 101 32.39 21.13 -20.40
C GLY B 101 32.49 20.24 -19.17
N ILE B 102 31.51 20.33 -18.25
CA ILE B 102 31.36 19.47 -17.04
C ILE B 102 29.92 18.93 -16.98
N LEU B 103 29.76 17.60 -16.93
CA LEU B 103 28.44 16.92 -16.96
C LEU B 103 28.20 16.21 -15.62
N VAL B 104 27.06 16.52 -14.99
CA VAL B 104 26.78 16.29 -13.54
C VAL B 104 25.56 15.38 -13.38
N ALA B 105 25.68 14.35 -12.54
CA ALA B 105 24.57 13.49 -12.07
C ALA B 105 24.02 14.03 -10.72
N SER B 106 22.91 14.77 -10.76
CA SER B 106 22.30 15.47 -9.61
C SER B 106 21.41 14.54 -8.75
N ASP B 107 21.39 14.80 -7.45
CA ASP B 107 20.40 14.23 -6.50
C ASP B 107 18.98 14.65 -6.90
N SER B 108 18.84 15.80 -7.58
CA SER B 108 17.54 16.42 -7.97
C SER B 108 16.83 15.58 -9.03
N GLY B 109 17.55 14.67 -9.70
CA GLY B 109 17.04 13.91 -10.86
C GLY B 109 17.47 14.55 -12.17
N ALA B 110 17.98 15.79 -12.11
CA ALA B 110 18.49 16.53 -13.29
C ALA B 110 19.81 15.91 -13.74
N VAL B 111 20.06 15.98 -15.05
CA VAL B 111 21.43 15.98 -15.64
C VAL B 111 21.71 17.44 -15.97
N GLU B 112 22.85 17.95 -15.49
CA GLU B 112 23.29 19.35 -15.70
C GLU B 112 24.56 19.33 -16.55
N LEU B 113 24.61 20.24 -17.54
CA LEU B 113 25.85 20.59 -18.27
C LEU B 113 26.27 22.00 -17.86
N TRP B 114 27.46 22.11 -17.27
CA TRP B 114 28.13 23.38 -16.91
C TRP B 114 29.26 23.66 -17.92
N GLU B 115 29.25 24.87 -18.49
CA GLU B 115 30.30 25.37 -19.42
C GLU B 115 31.37 26.10 -18.60
N LEU B 116 32.56 26.28 -19.16
CA LEU B 116 33.66 27.10 -18.56
C LEU B 116 33.70 28.46 -19.27
N ASP B 117 33.83 29.54 -18.49
CA ASP B 117 34.10 30.93 -18.96
C ASP B 117 35.19 30.91 -20.02
N GLU B 118 35.20 31.89 -20.93
CA GLU B 118 36.26 32.09 -21.95
C GLU B 118 37.63 32.26 -21.27
N ASN B 119 37.66 32.83 -20.05
CA ASN B 119 38.89 33.09 -19.25
C ASN B 119 39.05 32.01 -18.18
N GLU B 120 38.09 31.08 -18.09
CA GLU B 120 38.08 29.90 -17.16
C GLU B 120 38.11 30.36 -15.70
N THR B 121 37.57 31.56 -15.42
CA THR B 121 37.44 32.14 -14.06
C THR B 121 36.14 31.62 -13.43
N LEU B 122 35.03 31.72 -14.15
CA LEU B 122 33.65 31.35 -13.71
C LEU B 122 33.28 29.95 -14.23
N ILE B 123 32.25 29.32 -13.63
CA ILE B 123 31.59 28.07 -14.13
C ILE B 123 30.09 28.32 -14.23
N VAL B 124 29.57 28.50 -15.44
CA VAL B 124 28.15 28.93 -15.70
C VAL B 124 27.33 27.70 -16.14
N SER B 125 26.08 27.60 -15.68
CA SER B 125 25.12 26.54 -16.08
C SER B 125 24.74 26.76 -17.55
N LYS B 126 24.83 25.70 -18.37
CA LYS B 126 24.44 25.70 -19.81
C LYS B 126 23.03 25.09 -19.95
N PHE B 127 22.76 23.98 -19.27
CA PHE B 127 21.40 23.37 -19.22
C PHE B 127 21.25 22.48 -17.97
N CYS B 128 20.04 22.48 -17.42
CA CYS B 128 19.59 21.66 -16.26
C CYS B 128 18.23 21.05 -16.63
N LYS B 129 18.18 19.74 -16.91
CA LYS B 129 16.96 19.08 -17.44
C LYS B 129 16.54 17.96 -16.48
N TYR B 130 15.31 18.06 -15.96
CA TYR B 130 14.73 17.14 -14.95
C TYR B 130 13.96 16.04 -15.71
N GLU B 131 14.63 14.93 -16.02
CA GLU B 131 14.05 13.85 -16.87
C GLU B 131 14.10 12.49 -16.16
N HIS B 132 15.00 12.29 -15.18
CA HIS B 132 14.96 11.13 -14.25
C HIS B 132 13.95 11.42 -13.12
N ASP B 133 13.39 10.36 -12.55
CA ASP B 133 12.27 10.39 -11.56
C ASP B 133 12.84 10.22 -10.14
N ASP B 134 14.13 9.90 -10.03
CA ASP B 134 14.85 9.72 -8.75
C ASP B 134 16.29 10.16 -9.00
N ILE B 135 17.17 10.02 -8.00
CA ILE B 135 18.62 10.35 -8.05
C ILE B 135 19.23 9.78 -9.34
N VAL B 136 19.94 10.63 -10.09
CA VAL B 136 20.88 10.25 -11.19
C VAL B 136 22.19 9.87 -10.50
N SER B 137 22.64 8.62 -10.68
CA SER B 137 23.75 8.02 -9.89
C SER B 137 25.03 7.97 -10.71
N THR B 138 24.94 7.90 -12.05
CA THR B 138 26.08 7.66 -12.98
C THR B 138 25.86 8.38 -14.32
N VAL B 139 26.92 8.99 -14.87
CA VAL B 139 26.96 9.58 -16.25
C VAL B 139 28.26 9.14 -16.94
N SER B 140 28.23 9.06 -18.27
CA SER B 140 29.40 8.68 -19.12
C SER B 140 29.28 9.32 -20.51
N VAL B 141 30.32 10.07 -20.94
CA VAL B 141 30.37 10.70 -22.30
C VAL B 141 30.74 9.62 -23.32
N LEU B 142 30.07 9.60 -24.47
CA LEU B 142 30.36 8.66 -25.59
C LEU B 142 31.55 9.19 -26.45
N SER B 143 32.21 8.29 -27.19
CA SER B 143 33.49 8.53 -27.93
C SER B 143 33.45 9.82 -28.77
N SER B 144 32.37 10.02 -29.54
CA SER B 144 32.07 11.25 -30.33
C SER B 144 32.26 12.54 -29.51
N GLY B 145 31.85 12.54 -28.23
CA GLY B 145 31.89 13.73 -27.38
C GLY B 145 30.65 14.59 -27.53
N THR B 146 29.70 14.23 -28.42
CA THR B 146 28.45 14.98 -28.70
C THR B 146 27.23 14.39 -27.98
N GLN B 147 27.34 13.16 -27.45
CA GLN B 147 26.25 12.41 -26.78
C GLN B 147 26.76 11.83 -25.44
N ALA B 148 25.83 11.54 -24.52
CA ALA B 148 26.11 10.93 -23.19
C ALA B 148 24.95 10.03 -22.75
N VAL B 149 25.25 9.16 -21.78
CA VAL B 149 24.29 8.17 -21.18
C VAL B 149 24.32 8.34 -19.66
N SER B 150 23.13 8.36 -19.05
CA SER B 150 22.92 8.51 -17.58
C SER B 150 22.17 7.27 -17.05
N GLY B 151 22.48 6.88 -15.81
CA GLY B 151 21.83 5.79 -15.06
C GLY B 151 21.31 6.33 -13.74
N SER B 152 20.13 5.88 -13.30
CA SER B 152 19.41 6.48 -12.15
C SER B 152 18.83 5.39 -11.24
N LYS B 153 18.38 5.80 -10.06
CA LYS B 153 17.66 4.95 -9.07
C LYS B 153 16.23 4.65 -9.55
N ASP B 154 15.72 5.41 -10.54
CA ASP B 154 14.42 5.15 -11.23
C ASP B 154 14.51 3.94 -12.18
N ILE B 155 15.68 3.29 -12.26
CA ILE B 155 15.90 1.99 -12.97
C ILE B 155 16.11 2.26 -14.47
N CYS B 156 15.88 3.49 -14.94
CA CYS B 156 15.99 3.91 -16.36
C CYS B 156 17.43 4.26 -16.71
N ILE B 157 17.75 4.17 -18.00
CA ILE B 157 19.01 4.64 -18.64
C ILE B 157 18.59 5.55 -19.80
N LYS B 158 19.25 6.69 -19.96
CA LYS B 158 18.88 7.68 -21.01
C LYS B 158 20.11 8.05 -21.84
N VAL B 159 19.93 8.22 -23.14
CA VAL B 159 20.95 8.75 -24.10
C VAL B 159 20.58 10.19 -24.41
N TRP B 160 21.54 11.10 -24.22
CA TRP B 160 21.39 12.58 -24.32
C TRP B 160 22.10 13.12 -25.57
N ASP B 161 21.50 14.09 -26.27
CA ASP B 161 22.19 14.96 -27.26
C ASP B 161 22.59 16.25 -26.53
N LEU B 162 23.91 16.50 -26.43
CA LEU B 162 24.50 17.57 -25.57
C LEU B 162 24.46 18.94 -26.28
N ALA B 163 24.19 18.98 -27.58
CA ALA B 163 23.99 20.23 -28.35
C ALA B 163 22.51 20.65 -28.27
N GLN B 164 21.58 19.70 -28.46
CA GLN B 164 20.12 19.94 -28.55
C GLN B 164 19.49 19.94 -27.15
N GLN B 165 20.21 19.47 -26.14
CA GLN B 165 19.77 19.48 -24.71
C GLN B 165 18.45 18.72 -24.57
N VAL B 166 18.34 17.54 -25.19
CA VAL B 166 17.12 16.66 -25.15
C VAL B 166 17.55 15.19 -25.03
N VAL B 167 16.64 14.35 -24.51
CA VAL B 167 16.81 12.87 -24.42
C VAL B 167 16.45 12.22 -25.76
N LEU B 168 17.39 11.53 -26.43
CA LEU B 168 17.16 10.85 -27.73
C LEU B 168 16.38 9.53 -27.50
N SER B 169 16.84 8.74 -26.52
CA SER B 169 16.30 7.39 -26.16
C SER B 169 16.16 7.26 -24.64
N SER B 170 15.15 6.51 -24.19
CA SER B 170 14.96 6.11 -22.77
C SER B 170 14.71 4.60 -22.69
N TYR B 171 15.51 3.90 -21.88
CA TYR B 171 15.56 2.41 -21.78
C TYR B 171 15.33 1.96 -20.32
N ARG B 172 14.27 1.19 -20.13
CA ARG B 172 13.94 0.47 -18.86
C ARG B 172 14.29 -1.00 -19.06
N ALA B 173 15.59 -1.33 -19.03
CA ALA B 173 16.11 -2.69 -19.27
C ALA B 173 16.26 -3.42 -17.93
N HIS B 174 16.73 -2.70 -16.90
CA HIS B 174 16.96 -3.25 -15.54
C HIS B 174 15.65 -3.36 -14.75
N ALA B 175 15.67 -4.09 -13.63
CA ALA B 175 14.56 -4.28 -12.66
C ALA B 175 14.90 -3.66 -11.29
N ALA B 176 15.98 -2.89 -11.22
CA ALA B 176 16.45 -2.23 -9.98
C ALA B 176 17.40 -1.09 -10.34
N GLN B 177 17.93 -0.38 -9.34
CA GLN B 177 18.66 0.89 -9.55
C GLN B 177 19.91 0.59 -10.38
N VAL B 178 20.24 1.52 -11.28
CA VAL B 178 21.43 1.44 -12.17
C VAL B 178 22.62 2.04 -11.42
N THR B 179 23.58 1.17 -11.06
CA THR B 179 24.78 1.46 -10.24
C THR B 179 25.83 2.17 -11.10
N CYS B 180 25.97 1.77 -12.35
CA CYS B 180 27.14 2.18 -13.18
C CYS B 180 26.80 2.11 -14.66
N VAL B 181 27.13 3.15 -15.41
CA VAL B 181 27.13 3.12 -16.90
C VAL B 181 28.49 3.64 -17.39
N ALA B 182 29.07 2.99 -18.42
CA ALA B 182 30.44 3.27 -18.91
C ALA B 182 30.48 3.13 -20.43
N ALA B 183 30.64 4.26 -21.13
CA ALA B 183 30.69 4.41 -22.60
C ALA B 183 31.86 3.62 -23.15
N SER B 184 31.70 2.92 -24.27
CA SER B 184 32.85 2.27 -24.96
C SER B 184 33.79 3.40 -25.39
N PRO B 185 35.13 3.18 -25.19
CA PRO B 185 36.15 4.18 -25.53
C PRO B 185 36.13 4.68 -26.99
N HIS B 186 35.80 3.82 -27.98
CA HIS B 186 35.91 4.16 -29.43
C HIS B 186 34.66 3.90 -30.26
N LYS B 187 33.51 3.54 -29.66
CA LYS B 187 32.26 3.26 -30.42
C LYS B 187 31.06 3.94 -29.76
N ASP B 188 30.44 4.91 -30.44
CA ASP B 188 29.34 5.78 -29.93
C ASP B 188 28.09 4.99 -29.59
N SER B 189 27.87 3.85 -30.25
CA SER B 189 26.64 3.03 -30.13
C SER B 189 26.80 1.98 -29.02
N VAL B 190 27.99 1.89 -28.39
CA VAL B 190 28.28 0.78 -27.42
C VAL B 190 28.62 1.34 -26.02
N PHE B 191 28.08 0.71 -24.98
CA PHE B 191 28.37 1.04 -23.56
C PHE B 191 27.89 -0.09 -22.64
N LEU B 192 28.48 -0.18 -21.44
CA LEU B 192 28.07 -1.17 -20.41
C LEU B 192 27.14 -0.48 -19.40
N SER B 193 26.38 -1.30 -18.69
CA SER B 193 25.56 -0.90 -17.53
C SER B 193 25.50 -2.09 -16.58
N CYS B 194 25.36 -1.81 -15.28
CA CYS B 194 25.10 -2.83 -14.24
C CYS B 194 24.16 -2.28 -13.17
N SER B 195 23.54 -3.17 -12.41
CA SER B 195 22.35 -2.86 -11.61
C SER B 195 22.28 -3.85 -10.46
N GLU B 196 21.56 -3.47 -9.40
CA GLU B 196 21.23 -4.36 -8.26
C GLU B 196 20.30 -5.49 -8.71
N ASP B 197 19.89 -5.55 -9.98
CA ASP B 197 19.12 -6.70 -10.50
C ASP B 197 20.09 -7.81 -10.91
N ASN B 198 21.39 -7.56 -10.72
CA ASN B 198 22.47 -8.60 -10.84
C ASN B 198 22.79 -8.84 -12.32
N ARG B 199 22.38 -7.90 -13.20
CA ARG B 199 22.64 -7.93 -14.66
C ARG B 199 23.81 -6.99 -14.98
N ILE B 200 24.77 -7.47 -15.76
CA ILE B 200 25.71 -6.60 -16.54
C ILE B 200 25.19 -6.61 -17.97
N LEU B 201 24.73 -5.46 -18.50
CA LEU B 201 24.22 -5.40 -19.90
C LEU B 201 25.29 -4.80 -20.82
N LEU B 202 25.64 -5.51 -21.90
CA LEU B 202 26.41 -4.94 -23.04
C LEU B 202 25.40 -4.35 -24.02
N TRP B 203 25.53 -3.06 -24.36
CA TRP B 203 24.58 -2.31 -25.21
C TRP B 203 25.21 -2.09 -26.57
N ASP B 204 24.41 -2.21 -27.63
CA ASP B 204 24.70 -1.66 -28.99
C ASP B 204 23.38 -1.11 -29.55
N THR B 205 23.27 0.22 -29.65
CA THR B 205 22.03 0.93 -30.04
C THR B 205 21.68 0.68 -31.52
N ARG B 206 22.53 0.00 -32.29
CA ARG B 206 22.28 -0.32 -33.71
C ARG B 206 21.35 -1.54 -33.84
N CYS B 207 21.27 -2.37 -32.81
CA CYS B 207 20.40 -3.59 -32.76
C CYS B 207 18.99 -3.20 -32.36
N PRO B 208 17.95 -3.85 -32.95
CA PRO B 208 16.56 -3.57 -32.62
C PRO B 208 16.28 -3.82 -31.13
N LYS B 209 16.85 -4.90 -30.58
CA LYS B 209 16.93 -5.16 -29.11
C LYS B 209 18.34 -4.80 -28.63
N PRO B 210 18.55 -3.54 -28.18
CA PRO B 210 19.90 -3.00 -27.99
C PRO B 210 20.73 -3.54 -26.81
N ALA B 211 20.14 -4.27 -25.87
CA ALA B 211 20.89 -4.76 -24.68
C ALA B 211 21.13 -6.26 -24.81
N SER B 212 22.19 -6.75 -24.18
CA SER B 212 22.57 -8.18 -24.15
C SER B 212 23.20 -8.51 -22.80
N GLN B 213 22.74 -9.60 -22.17
CA GLN B 213 23.14 -10.02 -20.80
C GLN B 213 24.42 -10.85 -20.95
N ILE B 214 25.48 -10.47 -20.25
CA ILE B 214 26.80 -11.19 -20.24
C ILE B 214 27.35 -11.19 -18.82
N GLY B 215 28.40 -11.97 -18.54
CA GLY B 215 29.01 -12.08 -17.21
C GLY B 215 29.60 -13.46 -16.96
N CYS B 216 29.80 -13.86 -15.69
CA CYS B 216 30.23 -15.23 -15.28
C CYS B 216 29.04 -16.19 -15.46
N SER B 217 29.29 -17.50 -15.30
CA SER B 217 28.33 -18.61 -15.58
C SER B 217 27.04 -18.46 -14.76
N ALA B 218 27.11 -18.12 -13.47
CA ALA B 218 25.97 -18.23 -12.53
C ALA B 218 25.93 -17.09 -11.53
N PRO B 219 24.90 -17.06 -10.64
CA PRO B 219 24.80 -16.21 -9.45
C PRO B 219 26.06 -15.46 -8.99
N GLY B 220 26.22 -14.23 -9.46
CA GLY B 220 27.23 -13.27 -8.95
C GLY B 220 26.71 -12.52 -7.74
N TYR B 221 27.59 -12.10 -6.86
CA TYR B 221 27.38 -10.92 -5.97
C TYR B 221 27.19 -9.70 -6.88
N LEU B 222 26.31 -8.77 -6.50
CA LEU B 222 25.84 -7.68 -7.39
C LEU B 222 27.02 -6.90 -7.94
N PRO B 223 27.01 -6.58 -9.25
CA PRO B 223 28.05 -5.75 -9.87
C PRO B 223 27.96 -4.28 -9.44
N THR B 224 29.09 -3.66 -9.11
CA THR B 224 29.13 -2.30 -8.50
C THR B 224 29.94 -1.32 -9.35
N SER B 225 30.91 -1.76 -10.14
CA SER B 225 31.80 -0.84 -10.92
C SER B 225 32.23 -1.48 -12.25
N LEU B 226 32.47 -0.64 -13.29
CA LEU B 226 32.82 -1.06 -14.67
C LEU B 226 33.97 -0.23 -15.23
N ALA B 227 34.91 -0.86 -15.91
CA ALA B 227 35.98 -0.17 -16.67
C ALA B 227 36.32 -0.93 -17.95
N TRP B 228 36.05 -0.33 -19.11
CA TRP B 228 36.59 -0.78 -20.42
C TRP B 228 38.12 -0.76 -20.37
N HIS B 229 38.76 -1.79 -20.96
CA HIS B 229 40.20 -1.78 -21.30
C HIS B 229 40.45 -0.66 -22.31
N PRO B 230 41.50 0.17 -22.13
CA PRO B 230 41.80 1.26 -23.06
C PRO B 230 42.28 0.77 -24.45
N GLN B 231 42.95 -0.39 -24.50
CA GLN B 231 43.59 -0.93 -25.73
C GLN B 231 42.66 -1.93 -26.45
N GLN B 232 42.01 -2.84 -25.72
CA GLN B 232 41.21 -3.97 -26.27
C GLN B 232 39.72 -3.62 -26.27
N SER B 233 39.18 -3.25 -27.44
CA SER B 233 37.73 -2.96 -27.68
C SER B 233 36.84 -3.89 -26.85
N GLU B 234 37.25 -5.15 -26.74
CA GLU B 234 36.39 -6.33 -26.46
C GLU B 234 36.50 -6.80 -25.01
N VAL B 235 37.33 -6.17 -24.17
CA VAL B 235 37.49 -6.65 -22.75
C VAL B 235 37.22 -5.50 -21.77
N PHE B 236 36.74 -5.87 -20.58
CA PHE B 236 36.44 -4.93 -19.49
C PHE B 236 36.61 -5.68 -18.17
N VAL B 237 36.56 -4.92 -17.07
CA VAL B 237 36.58 -5.42 -15.66
C VAL B 237 35.32 -4.90 -14.93
N PHE B 238 34.80 -5.69 -14.00
CA PHE B 238 33.69 -5.27 -13.10
C PHE B 238 34.03 -5.68 -11.65
N GLY B 239 33.84 -4.75 -10.71
CA GLY B 239 33.95 -5.00 -9.26
C GLY B 239 32.59 -5.39 -8.70
N ASP B 240 32.56 -6.22 -7.66
CA ASP B 240 31.29 -6.68 -7.04
C ASP B 240 31.15 -6.05 -5.65
N GLU B 241 30.02 -6.27 -4.99
CA GLU B 241 29.72 -5.74 -3.63
C GLU B 241 30.41 -6.56 -2.54
N ASN B 242 31.14 -7.63 -2.91
CA ASN B 242 31.85 -8.53 -1.96
C ASN B 242 33.35 -8.29 -1.99
N GLY B 243 33.81 -7.39 -2.87
CA GLY B 243 35.22 -6.97 -2.94
C GLY B 243 36.01 -7.62 -4.06
N THR B 244 35.38 -8.46 -4.88
CA THR B 244 36.05 -9.17 -6.00
C THR B 244 36.15 -8.26 -7.24
N VAL B 245 37.26 -8.37 -7.96
CA VAL B 245 37.52 -7.67 -9.26
C VAL B 245 37.65 -8.74 -10.32
N SER B 246 36.92 -8.62 -11.43
CA SER B 246 36.81 -9.65 -12.50
C SER B 246 37.22 -9.09 -13.87
N LEU B 247 37.98 -9.87 -14.64
CA LEU B 247 38.37 -9.56 -16.04
C LEU B 247 37.44 -10.36 -16.95
N VAL B 248 36.75 -9.69 -17.87
CA VAL B 248 35.70 -10.32 -18.72
C VAL B 248 36.03 -10.02 -20.19
N ASP B 249 35.96 -11.04 -21.04
CA ASP B 249 35.97 -10.96 -22.53
C ASP B 249 34.51 -10.99 -22.99
N THR B 250 34.07 -9.98 -23.75
CA THR B 250 32.66 -9.85 -24.20
C THR B 250 32.28 -11.08 -25.01
N LYS B 251 33.16 -11.49 -25.95
CA LYS B 251 32.94 -12.58 -26.94
C LYS B 251 32.86 -13.94 -26.22
N SER B 252 33.86 -14.26 -25.39
CA SER B 252 33.99 -15.55 -24.66
C SER B 252 32.95 -15.67 -23.54
N THR B 253 32.44 -14.54 -23.02
CA THR B 253 31.37 -14.48 -21.98
C THR B 253 31.66 -15.53 -20.90
N SER B 254 32.91 -15.57 -20.45
CA SER B 254 33.42 -16.41 -19.33
C SER B 254 34.48 -15.60 -18.59
N CYS B 255 34.41 -15.56 -17.26
CA CYS B 255 35.31 -14.73 -16.43
C CYS B 255 36.71 -15.34 -16.47
N VAL B 256 37.58 -14.69 -17.24
CA VAL B 256 39.01 -15.06 -17.46
C VAL B 256 39.68 -15.13 -16.09
N LEU B 257 39.71 -14.00 -15.36
CA LEU B 257 40.35 -13.87 -14.03
C LEU B 257 39.40 -13.20 -13.05
N SER B 258 39.70 -13.36 -11.76
CA SER B 258 39.01 -12.69 -10.62
C SER B 258 39.87 -12.84 -9.36
N SER B 259 40.08 -11.75 -8.63
CA SER B 259 40.83 -11.75 -7.34
C SER B 259 40.05 -11.00 -6.26
N ALA B 260 40.11 -11.51 -5.02
CA ALA B 260 39.61 -10.86 -3.78
C ALA B 260 40.54 -9.69 -3.45
N VAL B 261 40.20 -8.47 -3.89
CA VAL B 261 41.08 -7.27 -3.78
C VAL B 261 40.75 -6.50 -2.51
N HIS B 262 39.47 -6.48 -2.13
CA HIS B 262 38.91 -5.62 -1.06
C HIS B 262 38.04 -6.44 -0.10
N SER B 263 37.83 -5.91 1.10
CA SER B 263 37.04 -6.52 2.20
C SER B 263 35.59 -6.04 2.08
N GLN B 264 35.32 -5.05 1.23
CA GLN B 264 34.01 -4.41 1.01
C GLN B 264 33.83 -4.01 -0.47
N CYS B 265 32.65 -3.47 -0.79
CA CYS B 265 32.20 -3.03 -2.13
C CYS B 265 33.32 -2.32 -2.91
N VAL B 266 33.44 -2.64 -4.22
CA VAL B 266 34.36 -1.99 -5.20
C VAL B 266 33.60 -0.86 -5.90
N THR B 267 33.88 0.41 -5.55
CA THR B 267 33.05 1.59 -5.90
C THR B 267 33.55 2.20 -7.22
N GLY B 268 34.81 1.96 -7.60
CA GLY B 268 35.39 2.50 -8.86
C GLY B 268 36.53 1.65 -9.40
N LEU B 269 36.74 1.71 -10.72
CA LEU B 269 37.88 1.06 -11.41
C LEU B 269 38.41 2.01 -12.51
N VAL B 270 39.68 2.42 -12.42
CA VAL B 270 40.29 3.37 -13.40
C VAL B 270 41.62 2.78 -13.91
N PHE B 271 41.69 2.49 -15.22
CA PHE B 271 42.93 2.08 -15.93
C PHE B 271 43.84 3.30 -16.06
N SER B 272 45.15 3.12 -15.86
CA SER B 272 46.21 4.14 -16.08
C SER B 272 46.38 4.42 -17.57
N PRO B 273 47.00 5.56 -17.97
CA PRO B 273 47.24 5.88 -19.39
C PRO B 273 48.38 5.09 -20.04
N HIS B 274 49.26 4.48 -19.22
CA HIS B 274 50.44 3.64 -19.60
C HIS B 274 50.10 2.68 -20.75
N SER B 275 51.11 2.41 -21.59
CA SER B 275 51.06 1.56 -22.80
C SER B 275 50.61 0.14 -22.43
N VAL B 276 51.16 -0.41 -21.35
CA VAL B 276 50.61 -1.65 -20.70
C VAL B 276 50.02 -1.22 -19.35
N PRO B 277 48.68 -1.01 -19.28
CA PRO B 277 48.09 -0.20 -18.21
C PRO B 277 48.01 -0.88 -16.83
N PHE B 278 48.00 -0.06 -15.79
CA PHE B 278 47.73 -0.49 -14.38
C PHE B 278 46.25 -0.27 -14.09
N LEU B 279 45.68 -1.07 -13.20
CA LEU B 279 44.28 -0.91 -12.74
C LEU B 279 44.24 -0.48 -11.28
N ALA B 280 43.69 0.70 -11.03
CA ALA B 280 43.36 1.26 -9.69
C ALA B 280 41.95 0.83 -9.27
N SER B 281 41.79 0.23 -8.09
CA SER B 281 40.46 -0.17 -7.51
C SER B 281 40.22 0.52 -6.16
N LEU B 282 39.05 1.14 -6.03
CA LEU B 282 38.54 1.94 -4.88
C LEU B 282 37.53 1.09 -4.11
N SER B 283 37.45 1.22 -2.79
CA SER B 283 36.50 0.43 -1.95
C SER B 283 35.99 1.22 -0.73
N GLU B 284 34.77 0.91 -0.30
CA GLU B 284 34.18 1.36 0.97
C GLU B 284 35.05 0.85 2.14
N ASP B 285 36.01 -0.04 1.87
CA ASP B 285 36.97 -0.52 2.91
C ASP B 285 38.03 0.55 3.15
N CYS B 286 37.94 1.69 2.47
CA CYS B 286 38.77 2.90 2.71
C CYS B 286 40.20 2.68 2.20
N SER B 287 40.38 1.80 1.21
CA SER B 287 41.71 1.49 0.62
C SER B 287 41.70 1.72 -0.89
N LEU B 288 42.88 2.06 -1.43
CA LEU B 288 43.29 2.04 -2.86
C LEU B 288 44.20 0.82 -3.06
N ALA B 289 43.91 0.03 -4.10
CA ALA B 289 44.83 -0.98 -4.66
C ALA B 289 45.21 -0.60 -6.10
N VAL B 290 46.42 -0.91 -6.53
CA VAL B 290 46.83 -0.83 -7.97
C VAL B 290 47.27 -2.24 -8.40
N LEU B 291 46.72 -2.71 -9.53
CA LEU B 291 46.79 -4.11 -10.03
C LEU B 291 47.39 -4.15 -11.45
N ASP B 292 48.02 -5.28 -11.78
CA ASP B 292 48.59 -5.56 -13.14
C ASP B 292 47.51 -6.28 -13.99
N SER B 293 47.85 -6.71 -15.20
CA SER B 293 46.91 -7.30 -16.18
C SER B 293 46.37 -8.66 -15.69
N SER B 294 47.08 -9.33 -14.76
CA SER B 294 46.68 -10.64 -14.16
C SER B 294 46.07 -10.46 -12.75
N LEU B 295 45.78 -9.21 -12.36
CA LEU B 295 45.04 -8.77 -11.14
C LEU B 295 45.81 -9.09 -9.85
N SER B 296 47.14 -9.22 -9.91
CA SER B 296 48.06 -9.28 -8.74
C SER B 296 48.23 -7.88 -8.12
N GLU B 297 48.43 -7.84 -6.80
CA GLU B 297 48.54 -6.59 -5.99
C GLU B 297 49.98 -6.07 -6.07
N LEU B 298 50.14 -4.84 -6.58
CA LEU B 298 51.44 -4.12 -6.76
C LEU B 298 51.60 -3.01 -5.70
N PHE B 299 50.52 -2.27 -5.39
CA PHE B 299 50.49 -1.13 -4.43
C PHE B 299 49.19 -1.16 -3.63
N ARG B 300 49.19 -0.47 -2.48
CA ARG B 300 48.04 -0.44 -1.52
C ARG B 300 48.22 0.74 -0.55
N SER B 301 47.24 1.64 -0.50
CA SER B 301 47.25 2.87 0.35
C SER B 301 46.05 2.90 1.31
N GLN B 302 46.34 3.04 2.61
CA GLN B 302 45.34 3.19 3.72
C GLN B 302 45.19 4.67 4.11
N ALA B 303 45.74 5.61 3.34
CA ALA B 303 45.86 7.04 3.70
C ALA B 303 44.48 7.63 4.00
N HIS B 304 43.44 7.12 3.32
CA HIS B 304 42.04 7.55 3.55
C HIS B 304 41.52 6.93 4.86
N ARG B 305 40.74 7.69 5.62
CA ARG B 305 40.14 7.21 6.88
C ARG B 305 38.59 7.30 6.82
N ASP B 306 38.03 7.65 5.65
CA ASP B 306 36.63 7.37 5.25
C ASP B 306 36.66 6.73 3.84
N PHE B 307 35.48 6.42 3.26
CA PHE B 307 35.32 5.79 1.91
C PHE B 307 36.11 6.55 0.84
N VAL B 308 36.64 5.81 -0.15
CA VAL B 308 37.42 6.29 -1.34
C VAL B 308 36.50 6.32 -2.57
N ARG B 309 36.26 7.51 -3.14
CA ARG B 309 35.12 7.80 -4.06
C ARG B 309 35.56 7.85 -5.53
N ASP B 310 36.79 8.31 -5.81
CA ASP B 310 37.27 8.47 -7.21
C ASP B 310 38.80 8.44 -7.25
N ALA B 311 39.35 8.39 -8.48
CA ALA B 311 40.78 8.38 -8.80
C ALA B 311 40.96 8.88 -10.23
N THR B 312 42.01 9.70 -10.49
CA THR B 312 42.55 9.96 -11.86
C THR B 312 44.08 9.92 -11.85
N TRP B 313 44.65 9.36 -12.91
CA TRP B 313 46.11 9.36 -13.20
C TRP B 313 46.46 10.67 -13.89
N SER B 314 47.51 11.35 -13.40
CA SER B 314 48.10 12.55 -14.04
C SER B 314 48.41 12.23 -15.49
N PRO B 315 47.95 13.06 -16.45
CA PRO B 315 48.38 12.94 -17.84
C PRO B 315 49.80 13.47 -18.06
N LEU B 316 50.33 14.26 -17.11
CA LEU B 316 51.70 14.85 -17.16
C LEU B 316 52.71 13.81 -16.63
N ASN B 317 52.45 13.28 -15.43
CA ASN B 317 53.29 12.27 -14.74
C ASN B 317 52.47 10.98 -14.60
N HIS B 318 52.63 10.04 -15.53
CA HIS B 318 51.78 8.83 -15.66
C HIS B 318 51.86 7.93 -14.41
N SER B 319 52.82 8.16 -13.49
CA SER B 319 53.06 7.38 -12.25
C SER B 319 52.38 8.04 -11.03
N LEU B 320 51.89 9.26 -11.21
CA LEU B 320 51.10 10.04 -10.22
C LEU B 320 49.64 9.60 -10.31
N LEU B 321 49.03 9.25 -9.16
CA LEU B 321 47.60 8.85 -9.04
C LEU B 321 46.95 9.64 -7.89
N THR B 322 45.88 10.38 -8.18
CA THR B 322 45.18 11.29 -7.24
C THR B 322 43.89 10.60 -6.78
N THR B 323 43.69 10.43 -5.46
CA THR B 323 42.42 9.90 -4.87
C THR B 323 41.73 10.98 -4.03
N VAL B 324 40.40 10.92 -3.96
CA VAL B 324 39.57 11.77 -3.06
C VAL B 324 38.56 10.85 -2.34
N GLY B 325 38.09 11.28 -1.17
CA GLY B 325 37.20 10.49 -0.30
C GLY B 325 36.32 11.35 0.62
N TRP B 326 35.46 10.70 1.40
CA TRP B 326 34.47 11.41 2.25
C TRP B 326 35.17 12.12 3.43
N ASP B 327 36.39 11.69 3.80
CA ASP B 327 37.29 12.40 4.77
C ASP B 327 37.85 13.72 4.22
N HIS B 328 37.39 14.23 3.07
CA HIS B 328 37.81 15.55 2.49
C HIS B 328 39.31 15.57 2.16
N GLN B 329 39.94 14.39 2.02
CA GLN B 329 41.38 14.25 1.66
C GLN B 329 41.52 14.12 0.13
N VAL B 330 42.50 14.85 -0.40
CA VAL B 330 43.06 14.71 -1.77
C VAL B 330 44.46 14.13 -1.60
N VAL B 331 44.65 12.84 -1.84
CA VAL B 331 45.99 12.18 -1.72
C VAL B 331 46.56 12.02 -3.12
N HIS B 332 47.85 12.34 -3.27
CA HIS B 332 48.69 12.19 -4.49
C HIS B 332 49.69 11.05 -4.26
N HIS B 333 49.40 9.86 -4.79
CA HIS B 333 50.26 8.65 -4.69
C HIS B 333 51.24 8.62 -5.87
N VAL B 334 52.50 8.25 -5.61
CA VAL B 334 53.49 7.86 -6.66
C VAL B 334 53.44 6.33 -6.76
N VAL B 335 53.24 5.80 -7.99
CA VAL B 335 52.98 4.36 -8.24
C VAL B 335 54.19 3.77 -8.96
N PRO B 336 54.89 2.78 -8.36
CA PRO B 336 56.04 2.14 -9.01
C PRO B 336 55.66 1.48 -10.35
#